data_9V4J
#
_entry.id   9V4J
#
_cell.length_a   59.100
_cell.length_b   72.560
_cell.length_c   84.220
_cell.angle_alpha   94.040
_cell.angle_beta   69.480
_cell.angle_gamma   90.040
#
_symmetry.space_group_name_H-M   'P 1'
#
loop_
_entity.id
_entity.type
_entity.pdbx_description
1 polymer prenyltransferase
2 non-polymer 'SULFATE ION'
3 non-polymer 1,2-ETHANEDIOL
4 non-polymer 'S-[(2E,6E)-3,7,11-TRIMETHYLDODECA-2,6,10-TRIENYL] TRIHYDROGEN THIODIPHOSPHATE'
5 non-polymer 'MAGNESIUM ION'
6 water water
#
_entity_poly.entity_id   1
_entity_poly.type   'polypeptide(L)'
_entity_poly.pdbx_seq_one_letter_code
;MTDIDVPQVADPEVAAMVRAEVEGRWPLGVSGLDEVVRYGLVPFGKMMGPWLLIRSALAVGGDIATALPAAVALECVQVG
AMMHDDIIDCDAQRRSKPAAHTVFGEPTAIVGGDGLFFHGFAALSECREAGAPAERVAQAFTVLSRAGLRIGSAALREIR
MSREICSVQDYLDMIADKSGALLWMACGVGGTLGGADEAALKALSQYSDQLGIAYQIRDDLMAYDGTRAGKPNISDVRNG
RPTLPVLLAHERAPREQQLRIERLLADTAAPAAERYKAMADLVGAYDGAQAAREVSHRHVQLATRALQTLPPSPHRDALE
DLTVPGRLVLEHHHHHH
;
_entity_poly.pdbx_strand_id   A,B,C,D
#
loop_
_chem_comp.id
_chem_comp.type
_chem_comp.name
_chem_comp.formula
EDO non-polymer 1,2-ETHANEDIOL 'C2 H6 O2'
FPS non-polymer 'S-[(2E,6E)-3,7,11-TRIMETHYLDODECA-2,6,10-TRIENYL] TRIHYDROGEN THIODIPHOSPHATE' 'C15 H28 O6 P2 S'
MG non-polymer 'MAGNESIUM ION' 'Mg 2'
SO4 non-polymer 'SULFATE ION' 'O4 S -2'
#
# COMPACT_ATOMS: atom_id res chain seq x y z
N ASP A 5 -15.98 -3.37 -42.87
CA ASP A 5 -15.41 -2.30 -42.05
C ASP A 5 -14.12 -2.78 -41.38
N VAL A 6 -12.97 -2.42 -41.96
CA VAL A 6 -11.69 -2.96 -41.52
C VAL A 6 -10.78 -1.83 -41.09
N PRO A 7 -10.30 -1.82 -39.84
CA PRO A 7 -9.25 -0.85 -39.48
C PRO A 7 -7.95 -1.17 -40.20
N GLN A 8 -7.22 -0.11 -40.52
CA GLN A 8 -5.98 -0.19 -41.28
C GLN A 8 -4.72 -0.20 -40.42
N VAL A 9 -4.85 0.05 -39.11
CA VAL A 9 -3.71 0.01 -38.20
C VAL A 9 -4.01 -0.96 -37.05
N ALA A 10 -2.95 -1.25 -36.30
CA ALA A 10 -3.04 -2.07 -35.10
C ALA A 10 -3.54 -1.25 -33.94
N ASP A 11 -3.98 -1.97 -32.90
CA ASP A 11 -4.45 -1.38 -31.64
C ASP A 11 -3.69 -2.09 -30.54
N PRO A 12 -2.54 -1.55 -30.11
CA PRO A 12 -1.67 -2.28 -29.19
C PRO A 12 -2.26 -2.35 -27.79
N GLU A 13 -1.56 -3.13 -26.94
CA GLU A 13 -1.90 -3.25 -25.53
C GLU A 13 -1.13 -2.16 -24.79
N VAL A 14 -1.74 -0.97 -24.77
CA VAL A 14 -1.05 0.27 -24.38
C VAL A 14 -0.81 0.35 -22.89
N ALA A 15 -1.75 -0.14 -22.07
CA ALA A 15 -1.56 -0.10 -20.61
C ALA A 15 -0.45 -1.05 -20.15
N ALA A 16 -0.40 -2.27 -20.66
CA ALA A 16 0.56 -3.23 -20.08
C ALA A 16 1.99 -2.88 -20.41
N MET A 17 2.26 -2.30 -21.59
CA MET A 17 3.63 -1.96 -21.91
C MET A 17 4.13 -0.77 -21.09
N VAL A 18 3.25 0.18 -20.76
CA VAL A 18 3.70 1.30 -19.95
C VAL A 18 4.04 0.83 -18.54
N ARG A 19 3.20 -0.02 -17.93
CA ARG A 19 3.51 -0.56 -16.60
C ARG A 19 4.85 -1.26 -16.61
N ALA A 20 5.04 -2.20 -17.54
CA ALA A 20 6.30 -2.94 -17.62
C ALA A 20 7.50 -2.01 -17.80
N GLU A 21 7.33 -0.96 -18.61
CA GLU A 21 8.41 0.01 -18.80
C GLU A 21 8.69 0.81 -17.53
N VAL A 22 7.66 1.21 -16.79
CA VAL A 22 7.94 1.98 -15.57
C VAL A 22 8.59 1.10 -14.52
N GLU A 23 8.04 -0.09 -14.28
CA GLU A 23 8.66 -1.02 -13.32
C GLU A 23 10.08 -1.43 -13.76
N GLY A 24 10.28 -1.69 -15.06
CA GLY A 24 11.62 -1.98 -15.54
C GLY A 24 12.64 -0.90 -15.19
N ARG A 25 12.20 0.35 -15.18
CA ARG A 25 13.13 1.44 -14.86
C ARG A 25 13.35 1.58 -13.35
N TRP A 26 12.34 1.32 -12.52
CA TRP A 26 12.47 1.43 -11.07
C TRP A 26 12.00 0.13 -10.43
N PRO A 27 12.79 -0.94 -10.54
CA PRO A 27 12.30 -2.26 -10.12
C PRO A 27 12.28 -2.38 -8.61
N LEU A 28 11.63 -3.46 -8.16
CA LEU A 28 11.63 -3.79 -6.74
C LEU A 28 13.06 -3.96 -6.25
N GLY A 29 13.42 -3.26 -5.19
CA GLY A 29 14.75 -3.33 -4.61
C GLY A 29 15.64 -2.13 -4.88
N VAL A 30 15.17 -1.09 -5.58
CA VAL A 30 16.01 0.11 -5.78
C VAL A 30 16.35 0.73 -4.42
N SER A 31 17.42 1.51 -4.42
CA SER A 31 17.85 2.24 -3.22
C SER A 31 18.16 3.68 -3.62
N GLY A 32 18.60 4.46 -2.65
CA GLY A 32 18.92 5.87 -2.92
C GLY A 32 17.69 6.69 -3.28
N LEU A 33 17.87 7.59 -4.25
CA LEU A 33 16.74 8.41 -4.71
C LEU A 33 15.72 7.55 -5.48
N ASP A 34 16.18 6.53 -6.23
CA ASP A 34 15.20 5.65 -6.91
C ASP A 34 14.23 5.03 -5.92
N GLU A 35 14.64 4.86 -4.67
CA GLU A 35 13.74 4.31 -3.66
C GLU A 35 12.57 5.25 -3.39
N VAL A 36 12.87 6.54 -3.26
CA VAL A 36 11.82 7.53 -3.03
C VAL A 36 10.97 7.73 -4.28
N VAL A 37 11.61 7.72 -5.45
CA VAL A 37 10.87 7.78 -6.72
C VAL A 37 9.86 6.65 -6.81
N ARG A 38 10.31 5.42 -6.53
CA ARG A 38 9.45 4.25 -6.64
C ARG A 38 8.29 4.30 -5.66
N TYR A 39 8.55 4.74 -4.41
CA TYR A 39 7.45 4.85 -3.45
C TYR A 39 6.31 5.69 -4.02
N GLY A 40 6.63 6.80 -4.67
CA GLY A 40 5.60 7.58 -5.35
C GLY A 40 4.90 6.79 -6.43
N LEU A 41 5.66 5.97 -7.17
CA LEU A 41 5.12 5.30 -8.35
C LEU A 41 4.19 4.13 -7.99
N VAL A 42 4.48 3.40 -6.91
CA VAL A 42 3.82 2.11 -6.62
C VAL A 42 2.78 2.29 -5.53
N PRO A 43 1.62 1.60 -5.57
CA PRO A 43 1.15 0.71 -6.63
C PRO A 43 0.84 1.51 -7.87
N PHE A 44 1.03 0.93 -9.06
CA PHE A 44 1.01 1.69 -10.30
C PHE A 44 -0.36 2.32 -10.59
N GLY A 45 -1.44 1.56 -10.38
CA GLY A 45 -2.74 1.99 -10.86
C GLY A 45 -2.91 1.77 -12.35
N LYS A 46 -3.97 2.36 -12.90
CA LYS A 46 -4.27 2.23 -14.32
C LYS A 46 -3.31 3.04 -15.22
N MET A 47 -2.86 4.21 -14.74
CA MET A 47 -2.01 5.15 -15.52
C MET A 47 -2.74 5.68 -16.76
N MET A 48 -3.89 6.30 -16.51
CA MET A 48 -4.64 6.84 -17.62
C MET A 48 -3.94 8.04 -18.24
N GLY A 49 -3.10 8.73 -17.49
CA GLY A 49 -2.28 9.78 -18.05
C GLY A 49 -1.36 9.29 -19.16
N PRO A 50 -0.45 8.35 -18.82
CA PRO A 50 0.45 7.78 -19.85
C PRO A 50 -0.24 7.08 -21.01
N TRP A 51 -1.27 6.27 -20.72
CA TRP A 51 -2.05 5.62 -21.77
C TRP A 51 -2.65 6.66 -22.72
N LEU A 52 -3.09 7.79 -22.17
CA LEU A 52 -3.62 8.88 -22.98
C LEU A 52 -2.57 9.43 -23.94
N LEU A 53 -1.34 9.60 -23.45
CA LEU A 53 -0.29 10.12 -24.33
C LEU A 53 -0.05 9.18 -25.49
N ILE A 54 -0.01 7.88 -25.22
CA ILE A 54 0.33 6.92 -26.26
C ILE A 54 -0.79 6.87 -27.32
N ARG A 55 -2.06 6.90 -26.88
CA ARG A 55 -3.20 6.93 -27.80
C ARG A 55 -3.22 8.19 -28.66
N SER A 56 -2.96 9.35 -28.07
CA SER A 56 -2.94 10.59 -28.83
C SER A 56 -1.79 10.61 -29.83
N ALA A 57 -0.62 10.13 -29.44
CA ALA A 57 0.48 10.01 -30.39
C ALA A 57 0.13 9.06 -31.51
N LEU A 58 -0.47 7.91 -31.19
CA LEU A 58 -0.79 6.93 -32.23
C LEU A 58 -1.98 7.39 -33.08
N ALA A 59 -2.91 8.16 -32.49
CA ALA A 59 -4.07 8.66 -33.24
C ALA A 59 -3.66 9.53 -34.42
N VAL A 60 -2.51 10.20 -34.34
CA VAL A 60 -2.09 11.10 -35.40
C VAL A 60 -1.04 10.48 -36.31
N GLY A 61 -0.73 9.20 -36.13
CA GLY A 61 0.23 8.52 -36.97
C GLY A 61 1.59 8.29 -36.36
N GLY A 62 1.71 8.38 -35.03
CA GLY A 62 3.01 8.34 -34.39
C GLY A 62 3.52 6.94 -34.07
N ASP A 63 4.72 6.91 -33.51
CA ASP A 63 5.43 5.69 -33.14
C ASP A 63 5.36 5.49 -31.64
N ILE A 64 5.15 4.24 -31.24
CA ILE A 64 5.30 3.81 -29.84
C ILE A 64 6.70 4.10 -29.32
N ALA A 65 7.73 3.92 -30.16
CA ALA A 65 9.10 4.12 -29.66
C ALA A 65 9.33 5.56 -29.22
N THR A 66 8.67 6.51 -29.87
CA THR A 66 8.75 7.90 -29.43
C THR A 66 7.85 8.16 -28.23
N ALA A 67 6.64 7.60 -28.26
CA ALA A 67 5.64 7.92 -27.26
C ALA A 67 5.95 7.28 -25.91
N LEU A 68 6.66 6.14 -25.91
CA LEU A 68 6.82 5.41 -24.65
C LEU A 68 7.64 6.18 -23.62
N PRO A 69 8.83 6.72 -23.91
CA PRO A 69 9.53 7.50 -22.87
C PRO A 69 8.81 8.80 -22.50
N ALA A 70 8.06 9.42 -23.41
CA ALA A 70 7.24 10.58 -23.03
C ALA A 70 6.15 10.21 -22.02
N ALA A 71 5.56 9.03 -22.19
CA ALA A 71 4.55 8.53 -21.26
C ALA A 71 5.14 8.33 -19.87
N VAL A 72 6.37 7.81 -19.79
CA VAL A 72 7.09 7.70 -18.52
C VAL A 72 7.33 9.08 -17.92
N ALA A 73 7.75 10.04 -18.77
CA ALA A 73 7.93 11.41 -18.31
C ALA A 73 6.65 11.94 -17.69
N LEU A 74 5.53 11.78 -18.40
CA LEU A 74 4.25 12.23 -17.90
C LEU A 74 3.92 11.56 -16.57
N GLU A 75 4.19 10.26 -16.45
CA GLU A 75 3.98 9.55 -15.20
C GLU A 75 4.78 10.19 -14.06
N CYS A 76 6.07 10.46 -14.29
CA CYS A 76 6.93 10.98 -13.22
C CYS A 76 6.52 12.38 -12.79
N VAL A 77 6.16 13.25 -13.72
CA VAL A 77 5.78 14.62 -13.40
C VAL A 77 4.49 14.65 -12.58
N GLN A 78 3.53 13.83 -12.95
CA GLN A 78 2.27 13.76 -12.22
C GLN A 78 2.43 13.19 -10.81
N VAL A 79 3.24 12.15 -10.63
CA VAL A 79 3.42 11.56 -9.31
C VAL A 79 4.21 12.50 -8.41
N GLY A 80 5.16 13.23 -8.96
CA GLY A 80 5.87 14.23 -8.18
C GLY A 80 4.98 15.39 -7.76
N ALA A 81 4.07 15.83 -8.64
CA ALA A 81 3.13 16.88 -8.26
C ALA A 81 2.22 16.38 -7.14
N MET A 82 1.81 15.12 -7.21
CA MET A 82 1.05 14.50 -6.13
C MET A 82 1.89 14.38 -4.86
N MET A 83 3.19 14.06 -4.98
CA MET A 83 4.00 13.92 -3.77
C MET A 83 4.18 15.26 -3.08
N HIS A 84 4.31 16.34 -3.84
CA HIS A 84 4.35 17.69 -3.27
C HIS A 84 2.98 18.16 -2.81
N ASP A 85 1.92 17.78 -3.50
CA ASP A 85 0.58 18.18 -3.11
C ASP A 85 0.22 17.68 -1.71
N ASP A 86 0.69 16.49 -1.31
CA ASP A 86 0.37 15.93 -0.01
C ASP A 86 0.97 16.74 1.13
N ILE A 87 2.14 17.33 0.90
CA ILE A 87 2.76 18.20 1.90
C ILE A 87 1.88 19.39 2.23
N ILE A 88 1.32 20.04 1.20
CA ILE A 88 0.56 21.28 1.40
C ILE A 88 -0.91 20.98 1.66
N LYS A 97 -3.28 6.00 0.33
CA LYS A 97 -1.87 5.61 0.44
C LYS A 97 -1.16 6.45 1.50
N PRO A 98 -0.32 5.86 2.36
CA PRO A 98 0.38 6.69 3.35
C PRO A 98 1.22 7.74 2.64
N ALA A 99 1.17 8.96 3.14
CA ALA A 99 1.82 10.08 2.47
C ALA A 99 3.32 10.00 2.64
N ALA A 100 4.03 10.34 1.56
CA ALA A 100 5.49 10.23 1.58
C ALA A 100 6.09 11.14 2.66
N HIS A 101 5.49 12.31 2.90
CA HIS A 101 6.04 13.14 3.95
C HIS A 101 5.78 12.51 5.31
N THR A 102 4.65 11.82 5.45
CA THR A 102 4.40 11.03 6.65
C THR A 102 5.46 9.95 6.83
N VAL A 103 5.80 9.25 5.76
CA VAL A 103 6.64 8.06 5.83
C VAL A 103 8.11 8.41 6.05
N PHE A 104 8.63 9.33 5.24
CA PHE A 104 10.06 9.64 5.24
C PHE A 104 10.37 10.96 5.92
N GLY A 105 9.36 11.71 6.33
CA GLY A 105 9.67 13.06 6.73
C GLY A 105 9.48 14.02 5.57
N GLU A 106 9.04 15.23 5.91
CA GLU A 106 8.74 16.24 4.89
C GLU A 106 9.94 16.61 4.04
N PRO A 107 11.16 16.74 4.56
CA PRO A 107 12.28 17.10 3.68
C PRO A 107 12.55 16.10 2.57
N THR A 108 12.53 14.79 2.89
CA THR A 108 12.81 13.77 1.89
C THR A 108 11.75 13.75 0.80
N ALA A 109 10.50 14.03 1.15
CA ALA A 109 9.43 14.08 0.16
C ALA A 109 9.65 15.23 -0.84
N ILE A 110 10.27 16.32 -0.40
CA ILE A 110 10.56 17.43 -1.30
C ILE A 110 11.60 17.02 -2.33
N VAL A 111 12.74 16.50 -1.89
CA VAL A 111 13.73 16.01 -2.83
C VAL A 111 13.14 14.90 -3.70
N GLY A 112 12.30 14.05 -3.11
CA GLY A 112 11.71 12.97 -3.88
C GLY A 112 10.84 13.47 -5.02
N GLY A 113 9.93 14.41 -4.70
CA GLY A 113 9.07 14.98 -5.72
C GLY A 113 9.85 15.69 -6.82
N ASP A 114 10.93 16.38 -6.44
CA ASP A 114 11.83 16.97 -7.42
C ASP A 114 12.54 15.90 -8.24
N GLY A 115 12.97 14.82 -7.60
CA GLY A 115 13.54 13.70 -8.34
C GLY A 115 12.57 13.15 -9.38
N LEU A 116 11.29 13.06 -9.01
CA LEU A 116 10.25 12.65 -9.95
C LEU A 116 10.06 13.68 -11.08
N PHE A 117 10.05 14.97 -10.75
CA PHE A 117 9.98 15.99 -11.80
C PHE A 117 11.16 15.85 -12.77
N PHE A 118 12.37 15.74 -12.23
CA PHE A 118 13.54 15.72 -13.10
C PHE A 118 13.73 14.38 -13.80
N HIS A 119 13.21 13.29 -13.24
CA HIS A 119 13.10 12.05 -14.02
C HIS A 119 12.12 12.21 -15.18
N GLY A 120 11.08 13.01 -15.00
CA GLY A 120 10.21 13.34 -16.11
C GLY A 120 10.97 14.05 -17.22
N PHE A 121 11.67 15.12 -16.87
CA PHE A 121 12.45 15.88 -17.86
C PHE A 121 13.49 15.00 -18.54
N ALA A 122 14.19 14.17 -17.76
CA ALA A 122 15.22 13.31 -18.34
C ALA A 122 14.60 12.28 -19.29
N ALA A 123 13.46 11.68 -18.92
CA ALA A 123 12.83 10.69 -19.81
C ALA A 123 12.29 11.35 -21.07
N LEU A 124 11.73 12.57 -20.97
CA LEU A 124 11.28 13.25 -22.17
C LEU A 124 12.45 13.57 -23.11
N SER A 125 13.65 13.81 -22.53
CA SER A 125 14.89 13.97 -23.30
C SER A 125 15.28 12.73 -24.08
N GLU A 126 14.87 11.54 -23.65
CA GLU A 126 15.18 10.32 -24.39
C GLU A 126 14.48 10.28 -25.74
N CYS A 127 13.46 11.11 -25.94
CA CYS A 127 12.70 11.06 -27.18
C CYS A 127 13.58 11.31 -28.39
N ARG A 128 14.65 12.09 -28.25
CA ARG A 128 15.58 12.30 -29.35
C ARG A 128 16.20 10.99 -29.77
N GLU A 129 16.84 10.33 -28.82
CA GLU A 129 17.46 9.04 -29.09
C GLU A 129 16.42 8.03 -29.57
N ALA A 130 15.19 8.12 -29.09
CA ALA A 130 14.11 7.23 -29.53
C ALA A 130 13.65 7.50 -30.96
N GLY A 131 14.02 8.63 -31.54
CA GLY A 131 13.76 8.84 -32.96
C GLY A 131 13.14 10.18 -33.31
N ALA A 132 12.72 10.92 -32.31
CA ALA A 132 12.05 12.18 -32.57
C ALA A 132 13.07 13.26 -32.98
N PRO A 133 12.79 14.05 -34.03
CA PRO A 133 13.67 15.17 -34.36
C PRO A 133 13.74 16.16 -33.21
N ALA A 134 14.92 16.78 -33.03
CA ALA A 134 15.14 17.73 -31.94
C ALA A 134 14.11 18.88 -31.94
N GLU A 135 13.63 19.26 -33.10
CA GLU A 135 12.66 20.35 -33.12
C GLU A 135 11.37 19.93 -32.43
N ARG A 136 10.90 18.70 -32.68
CA ARG A 136 9.70 18.20 -32.00
C ARG A 136 9.95 18.00 -30.51
N VAL A 137 11.15 17.55 -30.14
CA VAL A 137 11.46 17.32 -28.72
C VAL A 137 11.41 18.63 -27.94
N ALA A 138 11.97 19.70 -28.50
CA ALA A 138 11.85 21.02 -27.87
C ALA A 138 10.39 21.48 -27.80
N GLN A 139 9.62 21.28 -28.86
CA GLN A 139 8.21 21.66 -28.82
C GLN A 139 7.45 20.81 -27.81
N ALA A 140 7.85 19.54 -27.62
CA ALA A 140 7.28 18.70 -26.58
C ALA A 140 7.59 19.23 -25.17
N PHE A 141 8.84 19.65 -24.91
CA PHE A 141 9.18 20.29 -23.65
C PHE A 141 8.43 21.61 -23.43
N THR A 142 8.11 22.33 -24.51
CA THR A 142 7.36 23.57 -24.38
C THR A 142 5.92 23.31 -23.95
N VAL A 143 5.29 22.31 -24.59
CA VAL A 143 3.95 21.89 -24.22
C VAL A 143 3.91 21.38 -22.79
N LEU A 144 4.85 20.50 -22.44
CA LEU A 144 4.89 19.95 -21.09
C LEU A 144 5.01 21.05 -20.06
N SER A 145 5.91 21.99 -20.28
CA SER A 145 6.16 23.05 -19.30
C SER A 145 4.94 23.96 -19.15
N ARG A 146 4.38 24.43 -20.27
CA ARG A 146 3.23 25.33 -20.16
C ARG A 146 2.04 24.65 -19.48
N ALA A 147 1.77 23.38 -19.80
CA ALA A 147 0.71 22.69 -19.07
C ALA A 147 1.08 22.50 -17.61
N GLY A 148 2.37 22.31 -17.33
CA GLY A 148 2.82 22.24 -15.94
C GLY A 148 2.52 23.51 -15.16
N LEU A 149 2.71 24.66 -15.79
CA LEU A 149 2.38 25.92 -15.11
C LEU A 149 0.87 26.08 -14.86
N ARG A 150 0.03 25.52 -15.75
CA ARG A 150 -1.43 25.56 -15.57
C ARG A 150 -1.87 24.69 -14.40
N ILE A 151 -1.30 23.49 -14.27
CA ILE A 151 -1.64 22.58 -13.18
C ILE A 151 -1.19 23.16 -11.84
N GLY A 152 -0.08 23.90 -11.82
CA GLY A 152 0.36 24.53 -10.59
C GLY A 152 -0.50 25.72 -10.21
N SER A 153 -0.85 26.54 -11.19
CA SER A 153 -1.68 27.71 -10.92
C SER A 153 -3.01 27.32 -10.29
N ALA A 154 -3.73 26.39 -10.93
CA ALA A 154 -5.04 26.01 -10.43
C ALA A 154 -4.95 25.42 -9.02
N ALA A 155 -3.87 24.66 -8.74
CA ALA A 155 -3.69 24.12 -7.40
C ALA A 155 -3.59 25.23 -6.36
N LEU A 156 -2.85 26.30 -6.68
CA LEU A 156 -2.76 27.44 -5.77
C LEU A 156 -4.11 28.16 -5.68
N ARG A 157 -4.68 28.54 -6.82
CA ARG A 157 -5.96 29.24 -6.77
C ARG A 157 -7.04 28.40 -6.09
N GLU A 158 -6.92 27.06 -6.16
CA GLU A 158 -7.83 26.23 -5.38
C GLU A 158 -7.78 26.61 -3.90
N ILE A 159 -6.58 26.91 -3.39
CA ILE A 159 -6.44 27.28 -1.99
C ILE A 159 -6.99 28.68 -1.74
N ARG A 160 -6.63 29.64 -2.60
CA ARG A 160 -7.12 31.00 -2.42
C ARG A 160 -8.62 31.13 -2.72
N MET A 161 -9.23 30.25 -3.52
CA MET A 161 -10.67 30.34 -3.78
C MET A 161 -11.50 29.64 -2.70
N SER A 162 -10.90 28.70 -1.96
CA SER A 162 -11.66 27.90 -1.01
C SER A 162 -12.33 28.77 0.05
N ARG A 163 -13.52 28.34 0.48
CA ARG A 163 -14.33 29.00 1.50
C ARG A 163 -14.96 30.30 1.01
N GLU A 164 -15.01 30.49 -0.30
CA GLU A 164 -15.64 31.65 -0.92
C GLU A 164 -16.30 31.21 -2.22
N ILE A 165 -17.29 31.96 -2.65
CA ILE A 165 -18.08 31.61 -3.83
C ILE A 165 -17.40 32.18 -5.07
N CYS A 166 -17.42 31.43 -6.18
CA CYS A 166 -16.78 31.87 -7.42
C CYS A 166 -17.80 32.38 -8.42
N VAL A 168 -19.52 31.30 -11.67
CA VAL A 168 -19.56 29.99 -12.31
C VAL A 168 -18.33 29.78 -13.20
N GLN A 169 -17.95 30.84 -13.92
CA GLN A 169 -16.83 30.75 -14.84
C GLN A 169 -15.51 30.54 -14.12
N ASP A 170 -15.32 31.22 -12.98
CA ASP A 170 -14.03 31.12 -12.30
C ASP A 170 -13.78 29.69 -11.84
N TYR A 171 -14.82 28.99 -11.41
CA TYR A 171 -14.67 27.57 -11.10
C TYR A 171 -14.30 26.78 -12.34
N LEU A 172 -14.94 27.08 -13.48
CA LEU A 172 -14.69 26.32 -14.71
C LEU A 172 -13.26 26.49 -15.21
N ASP A 173 -12.71 27.71 -15.10
CA ASP A 173 -11.32 27.93 -15.51
C ASP A 173 -10.40 27.07 -14.67
N MET A 174 -10.57 27.12 -13.36
CA MET A 174 -9.71 26.35 -12.46
C MET A 174 -9.71 24.87 -12.81
N ILE A 175 -10.91 24.27 -13.00
CA ILE A 175 -10.95 22.84 -13.22
C ILE A 175 -10.38 22.49 -14.59
N ALA A 176 -10.45 23.42 -15.54
CA ALA A 176 -9.77 23.20 -16.82
C ALA A 176 -8.25 23.21 -16.62
N ASP A 177 -7.77 24.09 -15.74
CA ASP A 177 -6.35 24.08 -15.43
C ASP A 177 -5.99 22.99 -14.45
N LYS A 178 -6.98 22.49 -13.70
CA LYS A 178 -6.72 21.36 -12.82
C LYS A 178 -6.76 20.05 -13.60
N SER A 179 -7.86 19.82 -14.31
CA SER A 179 -8.00 18.52 -14.95
C SER A 179 -7.67 18.53 -16.43
N GLY A 180 -8.02 19.62 -17.12
CA GLY A 180 -7.78 19.66 -18.56
C GLY A 180 -6.33 19.87 -18.92
N ALA A 181 -5.60 20.65 -18.14
CA ALA A 181 -4.17 20.85 -18.40
C ALA A 181 -3.40 19.57 -18.18
N LEU A 182 -3.87 18.77 -17.23
CA LEU A 182 -3.33 17.45 -16.97
C LEU A 182 -3.57 16.54 -18.17
N LEU A 183 -4.79 16.57 -18.73
CA LEU A 183 -5.08 15.82 -19.93
C LEU A 183 -4.34 16.37 -21.14
N TRP A 184 -4.17 17.70 -21.21
CA TRP A 184 -3.45 18.30 -22.34
C TRP A 184 -1.96 18.02 -22.27
N MET A 185 -1.39 17.96 -21.06
CA MET A 185 0.01 17.58 -20.95
C MET A 185 0.22 16.26 -21.67
N ALA A 186 -0.70 15.32 -21.47
CA ALA A 186 -0.69 14.04 -22.15
C ALA A 186 -0.95 14.20 -23.65
N CYS A 187 -2.11 14.76 -24.00
CA CYS A 187 -2.55 14.82 -25.41
C CYS A 187 -1.65 15.74 -26.25
N GLY A 188 -1.24 16.88 -25.70
CA GLY A 188 -0.36 17.78 -26.43
C GLY A 188 1.03 17.22 -26.64
N VAL A 189 1.61 16.59 -25.61
CA VAL A 189 2.93 15.99 -25.80
C VAL A 189 2.82 14.79 -26.72
N GLY A 190 1.79 13.95 -26.53
CA GLY A 190 1.63 12.81 -27.41
C GLY A 190 1.43 13.24 -28.85
N GLY A 191 0.51 14.18 -29.07
CA GLY A 191 0.27 14.69 -30.43
C GLY A 191 1.51 15.31 -31.04
N THR A 192 2.23 16.11 -30.26
CA THR A 192 3.47 16.73 -30.75
C THR A 192 4.48 15.69 -31.17
N LEU A 193 4.66 14.65 -30.34
CA LEU A 193 5.61 13.61 -30.69
C LEU A 193 5.13 12.77 -31.85
N GLY A 194 3.81 12.70 -32.06
CA GLY A 194 3.26 12.02 -33.22
C GLY A 194 3.32 12.79 -34.52
N GLY A 195 3.70 14.07 -34.48
CA GLY A 195 3.77 14.86 -35.69
C GLY A 195 2.47 15.51 -36.10
N ALA A 196 1.58 15.78 -35.14
CA ALA A 196 0.28 16.33 -35.43
C ALA A 196 0.37 17.74 -36.02
N ASP A 197 -0.50 18.04 -36.99
CA ASP A 197 -0.55 19.39 -37.50
C ASP A 197 -1.33 20.27 -36.53
N GLU A 198 -1.37 21.58 -36.82
CA GLU A 198 -1.93 22.50 -35.83
C GLU A 198 -3.43 22.30 -35.62
N ALA A 199 -4.17 21.86 -36.64
CA ALA A 199 -5.59 21.64 -36.41
C ALA A 199 -5.84 20.44 -35.48
N ALA A 200 -5.01 19.39 -35.60
CA ALA A 200 -5.15 18.24 -34.71
C ALA A 200 -4.77 18.60 -33.28
N LEU A 201 -3.71 19.39 -33.11
CA LEU A 201 -3.32 19.79 -31.75
C LEU A 201 -4.39 20.66 -31.11
N LYS A 202 -4.97 21.60 -31.84
CA LYS A 202 -6.07 22.40 -31.31
C LYS A 202 -7.29 21.52 -31.00
N ALA A 203 -7.56 20.52 -31.85
CA ALA A 203 -8.61 19.55 -31.53
C ALA A 203 -8.32 18.80 -30.23
N LEU A 204 -7.08 18.31 -30.07
CA LEU A 204 -6.74 17.57 -28.85
C LEU A 204 -6.83 18.46 -27.60
N SER A 205 -6.46 19.74 -27.74
CA SER A 205 -6.55 20.66 -26.61
C SER A 205 -8.00 20.93 -26.22
N GLN A 206 -8.90 21.10 -27.18
CA GLN A 206 -10.30 21.29 -26.80
C GLN A 206 -10.84 20.00 -26.18
N TYR A 207 -10.48 18.84 -26.72
CA TYR A 207 -10.86 17.56 -26.11
C TYR A 207 -10.36 17.45 -24.68
N SER A 208 -9.11 17.86 -24.44
CA SER A 208 -8.55 17.81 -23.09
C SER A 208 -9.32 18.73 -22.15
N ASP A 209 -9.57 19.97 -22.60
CA ASP A 209 -10.24 20.95 -21.77
C ASP A 209 -11.67 20.51 -21.44
N GLN A 210 -12.39 20.00 -22.43
CA GLN A 210 -13.79 19.64 -22.23
C GLN A 210 -13.95 18.38 -21.39
N LEU A 211 -13.14 17.37 -21.67
CA LEU A 211 -13.16 16.14 -20.89
C LEU A 211 -12.66 16.38 -19.46
N GLY A 212 -11.68 17.27 -19.30
CA GLY A 212 -11.21 17.61 -17.97
C GLY A 212 -12.30 18.25 -17.14
N ILE A 213 -13.07 19.17 -17.74
CA ILE A 213 -14.23 19.78 -17.11
C ILE A 213 -15.25 18.72 -16.71
N ALA A 214 -15.59 17.83 -17.64
CA ALA A 214 -16.56 16.79 -17.32
C ALA A 214 -16.05 15.90 -16.17
N TYR A 215 -14.75 15.58 -16.20
CA TYR A 215 -14.17 14.76 -15.14
C TYR A 215 -14.27 15.45 -13.79
N GLN A 216 -13.93 16.74 -13.73
CA GLN A 216 -13.96 17.41 -12.43
C GLN A 216 -15.39 17.54 -11.92
N ILE A 217 -16.36 17.85 -12.79
CA ILE A 217 -17.75 17.95 -12.33
C ILE A 217 -18.20 16.60 -11.77
N ARG A 218 -17.81 15.51 -12.42
CA ARG A 218 -18.12 14.20 -11.85
C ARG A 218 -17.56 14.06 -10.43
N ASP A 219 -16.39 14.66 -10.16
CA ASP A 219 -15.90 14.72 -8.78
C ASP A 219 -16.74 15.63 -7.90
N ASP A 220 -17.15 16.79 -8.42
CA ASP A 220 -18.03 17.66 -7.64
C ASP A 220 -19.31 16.93 -7.23
N LEU A 221 -19.80 16.08 -8.11
CA LEU A 221 -21.09 15.43 -7.90
C LEU A 221 -21.06 14.44 -6.75
N MET A 222 -19.88 13.98 -6.33
CA MET A 222 -19.77 12.98 -5.26
C MET A 222 -20.41 13.41 -3.95
N THR A 243 -17.39 23.54 -5.21
CA THR A 243 -17.98 22.59 -6.15
C THR A 243 -19.07 23.21 -7.01
N LEU A 244 -19.22 22.70 -8.23
CA LEU A 244 -20.18 23.29 -9.16
C LEU A 244 -21.62 23.19 -8.65
N PRO A 245 -22.09 22.06 -8.09
CA PRO A 245 -23.46 22.04 -7.56
C PRO A 245 -23.77 23.17 -6.59
N VAL A 246 -22.84 23.46 -5.68
CA VAL A 246 -23.03 24.56 -4.73
C VAL A 246 -23.25 25.87 -5.47
N LEU A 247 -22.44 26.15 -6.50
CA LEU A 247 -22.59 27.38 -7.28
C LEU A 247 -23.82 27.34 -8.15
N LEU A 248 -24.19 26.16 -8.66
CA LEU A 248 -25.46 26.09 -9.35
C LEU A 248 -26.62 26.25 -8.37
N ALA A 249 -26.49 25.67 -7.16
CA ALA A 249 -27.52 25.84 -6.14
C ALA A 249 -27.56 27.29 -5.65
N HIS A 250 -26.39 27.84 -5.33
CA HIS A 250 -26.30 29.24 -4.91
C HIS A 250 -26.87 30.16 -5.97
N GLU A 251 -26.61 29.85 -7.24
CA GLU A 251 -27.10 30.70 -8.31
C GLU A 251 -28.63 30.75 -8.31
N ARG A 252 -29.27 29.59 -8.19
CA ARG A 252 -30.72 29.52 -8.29
C ARG A 252 -31.48 29.94 -7.03
N ALA A 253 -30.82 30.04 -5.88
CA ALA A 253 -31.52 30.23 -4.62
C ALA A 253 -32.06 31.66 -4.48
N PRO A 254 -33.17 31.83 -3.74
CA PRO A 254 -33.62 33.20 -3.44
C PRO A 254 -32.57 33.90 -2.60
N ARG A 255 -32.62 35.23 -2.61
CA ARG A 255 -31.51 35.99 -2.02
C ARG A 255 -31.39 35.69 -0.53
N GLU A 256 -32.51 35.34 0.11
CA GLU A 256 -32.47 35.00 1.52
C GLU A 256 -31.52 33.83 1.77
N GLN A 257 -31.62 32.77 0.93
CA GLN A 257 -30.70 31.63 1.01
C GLN A 257 -29.34 31.90 0.39
N GLN A 258 -29.28 32.70 -0.68
CA GLN A 258 -27.98 33.04 -1.27
C GLN A 258 -27.07 33.67 -0.23
N LEU A 259 -27.59 34.64 0.53
CA LEU A 259 -26.81 35.21 1.63
C LEU A 259 -26.48 34.17 2.68
N ARG A 260 -27.29 33.11 2.78
CA ARG A 260 -26.94 32.01 3.67
C ARG A 260 -25.80 31.18 3.08
N ILE A 261 -25.84 30.92 1.77
CA ILE A 261 -24.79 30.11 1.14
C ILE A 261 -23.48 30.88 1.12
N GLU A 262 -23.56 32.18 0.84
CA GLU A 262 -22.36 33.01 0.84
C GLU A 262 -21.68 32.98 2.20
N ARG A 263 -22.48 32.94 3.27
CA ARG A 263 -21.95 32.82 4.63
C ARG A 263 -21.37 31.43 4.89
N LEU A 264 -22.12 30.39 4.56
CA LEU A 264 -21.67 29.03 4.82
C LEU A 264 -20.32 28.75 4.16
N GLU A 274 -21.05 19.17 10.28
CA GLU A 274 -22.42 19.64 10.11
C GLU A 274 -22.52 20.56 8.90
N ARG A 275 -21.48 21.38 8.67
CA ARG A 275 -21.54 22.38 7.61
C ARG A 275 -21.78 21.75 6.25
N TYR A 276 -21.22 20.56 6.03
CA TYR A 276 -21.48 19.85 4.77
C TYR A 276 -22.97 19.57 4.62
N LYS A 277 -23.59 19.02 5.67
CA LYS A 277 -24.99 18.63 5.56
C LYS A 277 -25.89 19.83 5.30
N ALA A 278 -25.57 21.00 5.86
CA ALA A 278 -26.31 22.21 5.49
C ALA A 278 -26.08 22.56 4.03
N MET A 279 -24.87 22.33 3.52
CA MET A 279 -24.63 22.57 2.11
C MET A 279 -25.42 21.61 1.24
N ALA A 280 -25.41 20.32 1.60
CA ALA A 280 -26.16 19.33 0.83
C ALA A 280 -27.65 19.65 0.84
N ASP A 281 -28.11 20.35 1.89
CA ASP A 281 -29.52 20.73 2.00
C ASP A 281 -29.91 21.76 0.94
N LEU A 282 -29.05 22.76 0.73
CA LEU A 282 -29.40 23.80 -0.22
C LEU A 282 -29.21 23.31 -1.65
N VAL A 283 -28.22 22.44 -1.87
CA VAL A 283 -28.04 21.84 -3.20
C VAL A 283 -29.26 21.01 -3.58
N GLY A 284 -29.72 20.16 -2.66
CA GLY A 284 -30.91 19.38 -2.95
C GLY A 284 -32.13 20.24 -3.17
N ALA A 285 -32.23 21.35 -2.43
CA ALA A 285 -33.39 22.22 -2.55
C ALA A 285 -33.47 22.89 -3.92
N TYR A 286 -32.32 23.19 -4.55
CA TYR A 286 -32.31 23.91 -5.81
C TYR A 286 -31.76 23.06 -6.95
N ASP A 287 -31.89 21.74 -6.82
CA ASP A 287 -31.55 20.79 -7.90
C ASP A 287 -30.12 21.01 -8.40
N GLY A 288 -29.22 21.34 -7.46
CA GLY A 288 -27.85 21.66 -7.84
C GLY A 288 -27.11 20.48 -8.48
N ALA A 289 -27.38 19.27 -8.00
CA ALA A 289 -26.65 18.11 -8.48
C ALA A 289 -27.09 17.71 -9.89
N GLN A 290 -28.40 17.81 -10.15
CA GLN A 290 -28.92 17.51 -11.47
C GLN A 290 -28.42 18.52 -12.50
N ALA A 291 -28.45 19.82 -12.16
CA ALA A 291 -27.96 20.86 -13.07
C ALA A 291 -26.48 20.65 -13.40
N ALA A 292 -25.69 20.26 -12.40
CA ALA A 292 -24.28 19.96 -12.65
C ALA A 292 -24.11 18.82 -13.64
N ARG A 293 -24.95 17.79 -13.54
CA ARG A 293 -24.88 16.68 -14.48
C ARG A 293 -25.16 17.15 -15.89
N GLU A 294 -26.08 18.10 -16.05
CA GLU A 294 -26.42 18.61 -17.38
C GLU A 294 -25.31 19.49 -17.95
N VAL A 295 -24.62 20.27 -17.11
CA VAL A 295 -23.44 20.99 -17.59
C VAL A 295 -22.35 20.03 -18.03
N SER A 296 -22.08 19.00 -17.21
CA SER A 296 -21.05 18.01 -17.54
C SER A 296 -21.38 17.28 -18.84
N HIS A 297 -22.64 16.88 -19.01
CA HIS A 297 -23.04 16.15 -20.21
C HIS A 297 -22.87 17.01 -21.47
N ARG A 298 -23.04 18.33 -21.37
CA ARG A 298 -22.78 19.20 -22.52
C ARG A 298 -21.29 19.22 -22.89
N HIS A 299 -20.41 19.25 -21.89
CA HIS A 299 -18.98 19.27 -22.18
C HIS A 299 -18.45 17.92 -22.65
N VAL A 300 -19.07 16.80 -22.24
CA VAL A 300 -18.69 15.53 -22.83
C VAL A 300 -18.90 15.54 -24.35
N GLN A 301 -20.02 16.12 -24.81
CA GLN A 301 -20.33 16.17 -26.24
C GLN A 301 -19.37 17.09 -27.01
N LEU A 302 -18.95 18.20 -26.39
CA LEU A 302 -17.92 19.02 -27.03
C LEU A 302 -16.58 18.28 -27.08
N ALA A 303 -16.36 17.34 -26.15
CA ALA A 303 -15.17 16.49 -26.21
C ALA A 303 -15.24 15.51 -27.38
N THR A 304 -16.38 14.83 -27.55
CA THR A 304 -16.50 13.91 -28.68
C THR A 304 -16.59 14.66 -29.99
N ARG A 305 -17.15 15.87 -29.96
CA ARG A 305 -17.12 16.73 -31.14
C ARG A 305 -15.69 17.04 -31.56
N ALA A 306 -14.85 17.48 -30.60
CA ALA A 306 -13.50 17.88 -30.93
C ALA A 306 -12.73 16.77 -31.60
N LEU A 307 -12.97 15.52 -31.17
CA LEU A 307 -12.25 14.35 -31.66
C LEU A 307 -12.44 14.11 -33.16
N GLN A 308 -13.58 14.50 -33.72
CA GLN A 308 -13.86 14.12 -35.10
C GLN A 308 -12.87 14.74 -36.09
N THR A 309 -12.05 15.71 -35.66
CA THR A 309 -10.98 16.24 -36.50
C THR A 309 -9.89 15.20 -36.74
N LEU A 310 -9.70 14.30 -35.79
CA LEU A 310 -8.68 13.29 -35.88
C LEU A 310 -9.07 12.29 -36.96
N PRO A 311 -8.09 11.58 -37.55
CA PRO A 311 -8.44 10.57 -38.54
C PRO A 311 -9.19 9.44 -37.87
N PRO A 312 -10.07 8.75 -38.61
CA PRO A 312 -10.74 7.58 -38.02
C PRO A 312 -9.69 6.51 -37.75
N SER A 313 -9.74 5.96 -36.54
CA SER A 313 -8.74 4.97 -36.16
C SER A 313 -9.21 4.26 -34.90
N PRO A 314 -8.61 3.12 -34.55
CA PRO A 314 -8.90 2.52 -33.25
C PRO A 314 -8.51 3.42 -32.09
N HIS A 315 -7.56 4.34 -32.32
CA HIS A 315 -7.10 5.24 -31.26
C HIS A 315 -8.10 6.35 -30.99
N ARG A 316 -8.66 6.95 -32.05
CA ARG A 316 -9.72 7.92 -31.85
C ARG A 316 -10.89 7.31 -31.12
N ASP A 317 -11.27 6.08 -31.48
CA ASP A 317 -12.39 5.42 -30.82
C ASP A 317 -12.13 5.22 -29.33
N ALA A 318 -10.89 4.86 -28.97
CA ALA A 318 -10.54 4.72 -27.55
C ALA A 318 -10.63 6.06 -26.82
N LEU A 319 -10.22 7.14 -27.49
CA LEU A 319 -10.31 8.46 -26.89
C LEU A 319 -11.78 8.88 -26.71
N GLU A 320 -12.66 8.48 -27.64
CA GLU A 320 -14.08 8.71 -27.46
C GLU A 320 -14.62 7.89 -26.29
N ASP A 321 -14.20 6.62 -26.22
CA ASP A 321 -14.59 5.69 -25.16
C ASP A 321 -14.24 6.21 -23.77
N LEU A 322 -13.19 7.02 -23.67
CA LEU A 322 -12.77 7.56 -22.38
C LEU A 322 -13.74 8.61 -21.85
N THR A 323 -14.67 9.09 -22.67
CA THR A 323 -15.68 10.02 -22.19
C THR A 323 -16.86 9.33 -21.50
N VAL A 324 -17.02 8.03 -21.68
CA VAL A 324 -18.16 7.34 -21.07
C VAL A 324 -17.86 7.00 -19.61
N PRO A 325 -18.83 7.15 -18.70
CA PRO A 325 -18.64 6.84 -17.28
C PRO A 325 -18.43 5.34 -17.03
N ALA B 10 16.63 4.64 3.31
CA ALA B 10 15.76 5.45 4.15
C ALA B 10 15.37 4.71 5.43
N ASP B 11 14.89 5.47 6.41
CA ASP B 11 14.45 4.96 7.70
C ASP B 11 13.03 5.46 7.96
N PRO B 12 12.02 4.71 7.51
CA PRO B 12 10.65 5.23 7.51
C PRO B 12 10.04 5.31 8.91
N GLU B 13 8.85 5.93 8.96
CA GLU B 13 8.08 6.05 10.21
C GLU B 13 7.05 4.93 10.31
N VAL B 14 7.53 3.76 10.70
CA VAL B 14 6.71 2.54 10.59
C VAL B 14 5.66 2.45 11.69
N ALA B 15 5.98 2.90 12.91
CA ALA B 15 5.05 2.72 14.02
C ALA B 15 3.76 3.50 13.79
N ALA B 16 3.88 4.75 13.32
CA ALA B 16 2.70 5.56 13.08
C ALA B 16 1.94 5.12 11.83
N MET B 17 2.63 4.52 10.86
CA MET B 17 1.95 4.15 9.62
C MET B 17 0.96 3.01 9.85
N VAL B 18 1.31 2.10 10.74
CA VAL B 18 0.44 0.98 11.04
C VAL B 18 -0.81 1.45 11.78
N ARG B 19 -0.66 2.36 12.75
CA ARG B 19 -1.80 2.88 13.50
C ARG B 19 -2.80 3.51 12.56
N ALA B 20 -2.36 4.51 11.78
CA ALA B 20 -3.24 5.20 10.83
C ALA B 20 -3.88 4.24 9.84
N GLU B 21 -3.14 3.22 9.40
CA GLU B 21 -3.72 2.25 8.48
C GLU B 21 -4.83 1.45 9.14
N VAL B 22 -4.62 1.01 10.38
CA VAL B 22 -5.67 0.26 11.07
C VAL B 22 -6.88 1.16 11.38
N GLU B 23 -6.64 2.37 11.88
CA GLU B 23 -7.75 3.31 12.18
C GLU B 23 -8.59 3.59 10.94
N GLY B 24 -7.95 3.75 9.77
CA GLY B 24 -8.70 3.90 8.55
C GLY B 24 -9.64 2.74 8.23
N ARG B 25 -9.22 1.51 8.53
CA ARG B 25 -10.07 0.38 8.15
C ARG B 25 -11.20 0.12 9.13
N TRP B 26 -10.96 0.29 10.43
CA TRP B 26 -11.97 0.08 11.47
C TRP B 26 -11.99 1.33 12.33
N PRO B 27 -12.59 2.41 11.85
CA PRO B 27 -12.57 3.68 12.60
C PRO B 27 -13.61 3.67 13.73
N LEU B 28 -13.56 4.74 14.51
CA LEU B 28 -14.54 4.97 15.55
C LEU B 28 -15.97 5.01 14.98
N GLY B 29 -16.85 4.21 15.57
CA GLY B 29 -18.25 4.22 15.16
C GLY B 29 -18.68 3.08 14.26
N VAL B 30 -17.78 2.15 13.91
CA VAL B 30 -18.21 1.03 13.07
C VAL B 30 -19.25 0.19 13.82
N SER B 31 -20.07 -0.53 13.06
CA SER B 31 -21.10 -1.35 13.65
C SER B 31 -21.04 -2.75 13.04
N GLY B 32 -21.94 -3.61 13.46
CA GLY B 32 -21.95 -4.97 12.95
C GLY B 32 -20.73 -5.74 13.43
N LEU B 33 -20.20 -6.58 12.54
CA LEU B 33 -19.01 -7.36 12.85
C LEU B 33 -17.79 -6.47 13.10
N ASP B 34 -17.69 -5.37 12.36
CA ASP B 34 -16.57 -4.44 12.50
C ASP B 34 -16.42 -3.93 13.94
N GLU B 35 -17.52 -3.77 14.66
CA GLU B 35 -17.41 -3.24 16.03
C GLU B 35 -16.70 -4.24 16.94
N VAL B 36 -17.00 -5.52 16.81
CA VAL B 36 -16.30 -6.50 17.64
C VAL B 36 -14.84 -6.61 17.21
N VAL B 37 -14.59 -6.56 15.90
CA VAL B 37 -13.23 -6.51 15.38
C VAL B 37 -12.47 -5.33 15.99
N ARG B 38 -13.08 -4.14 15.98
CA ARG B 38 -12.45 -2.95 16.56
C ARG B 38 -12.26 -3.11 18.07
N TYR B 39 -13.25 -3.68 18.78
CA TYR B 39 -13.05 -3.96 20.20
C TYR B 39 -11.78 -4.76 20.41
N GLY B 40 -11.52 -5.74 19.56
CA GLY B 40 -10.29 -6.48 19.67
C GLY B 40 -9.05 -5.62 19.47
N LEU B 41 -9.09 -4.74 18.47
CA LEU B 41 -7.88 -4.01 18.08
C LEU B 41 -7.50 -2.88 19.05
N VAL B 42 -8.47 -2.21 19.66
CA VAL B 42 -8.13 -0.98 20.39
C VAL B 42 -8.11 -1.24 21.89
N PRO B 43 -7.27 -0.54 22.64
CA PRO B 43 -6.26 0.45 22.18
C PRO B 43 -5.11 -0.21 21.41
N PHE B 44 -4.48 0.49 20.46
CA PHE B 44 -3.61 -0.18 19.49
C PHE B 44 -2.47 -0.95 20.16
N GLY B 45 -1.82 -0.33 21.15
CA GLY B 45 -0.62 -0.94 21.73
C GLY B 45 0.60 -0.79 20.85
N LYS B 46 1.68 -1.50 21.23
CA LYS B 46 2.95 -1.40 20.52
C LYS B 46 2.86 -1.96 19.10
N MET B 47 2.09 -3.04 18.91
CA MET B 47 1.89 -3.65 17.58
C MET B 47 3.24 -3.96 16.92
N MET B 48 4.12 -4.59 17.68
CA MET B 48 5.47 -4.82 17.17
C MET B 48 5.47 -5.93 16.12
N GLY B 49 4.51 -6.84 16.16
CA GLY B 49 4.34 -7.85 15.14
C GLY B 49 4.23 -7.26 13.74
N PRO B 50 3.26 -6.37 13.53
CA PRO B 50 3.21 -5.67 12.24
C PRO B 50 4.50 -4.92 11.93
N TRP B 51 5.07 -4.24 12.93
CA TRP B 51 6.34 -3.53 12.76
C TRP B 51 7.44 -4.49 12.31
N LEU B 52 7.49 -5.69 12.92
CA LEU B 52 8.45 -6.71 12.52
C LEU B 52 8.25 -7.17 11.09
N LEU B 53 6.98 -7.27 10.64
CA LEU B 53 6.74 -7.67 9.25
C LEU B 53 7.20 -6.60 8.26
N ILE B 54 6.95 -5.32 8.53
CA ILE B 54 7.36 -4.30 7.57
C ILE B 54 8.88 -4.16 7.52
N ARG B 55 9.54 -4.17 8.68
CA ARG B 55 11.00 -4.11 8.70
C ARG B 55 11.63 -5.31 8.00
N SER B 56 11.03 -6.50 8.16
CA SER B 56 11.51 -7.70 7.48
C SER B 56 11.42 -7.55 5.97
N ALA B 57 10.31 -7.00 5.49
CA ALA B 57 10.12 -6.77 4.07
C ALA B 57 11.13 -5.77 3.52
N LEU B 58 11.38 -4.68 4.26
CA LEU B 58 12.32 -3.66 3.79
C LEU B 58 13.76 -4.12 3.93
N ALA B 59 14.05 -4.97 4.91
CA ALA B 59 15.40 -5.48 5.08
C ALA B 59 15.89 -6.22 3.83
N VAL B 60 14.98 -6.79 3.05
CA VAL B 60 15.37 -7.58 1.89
C VAL B 60 15.10 -6.85 0.58
N GLY B 61 14.66 -5.60 0.63
CA GLY B 61 14.43 -4.82 -0.56
C GLY B 61 12.99 -4.58 -0.96
N GLY B 62 12.01 -4.78 -0.07
CA GLY B 62 10.61 -4.75 -0.46
C GLY B 62 9.98 -3.36 -0.44
N ASP B 63 8.68 -3.34 -0.79
CA ASP B 63 7.87 -2.12 -0.86
C ASP B 63 6.98 -1.96 0.37
N ILE B 64 6.89 -0.73 0.87
CA ILE B 64 5.93 -0.42 1.94
C ILE B 64 4.50 -0.73 1.49
N ALA B 65 4.15 -0.39 0.25
CA ALA B 65 2.77 -0.52 -0.21
C ALA B 65 2.29 -1.97 -0.21
N THR B 66 3.19 -2.92 -0.49
CA THR B 66 2.87 -4.34 -0.44
C THR B 66 2.91 -4.92 0.98
N ALA B 67 3.85 -4.44 1.81
CA ALA B 67 3.97 -5.01 3.15
C ALA B 67 2.84 -4.54 4.06
N LEU B 68 2.28 -3.37 3.77
CA LEU B 68 1.31 -2.75 4.68
C LEU B 68 0.01 -3.54 4.84
N PRO B 69 -0.67 -4.00 3.78
CA PRO B 69 -1.88 -4.81 4.04
C PRO B 69 -1.54 -6.13 4.70
N ALA B 70 -0.37 -6.71 4.39
CA ALA B 70 0.06 -7.89 5.12
C ALA B 70 0.27 -7.58 6.60
N ALA B 71 0.83 -6.40 6.90
CA ALA B 71 0.98 -5.99 8.29
C ALA B 71 -0.37 -5.88 8.98
N VAL B 72 -1.40 -5.37 8.27
CA VAL B 72 -2.76 -5.39 8.77
C VAL B 72 -3.23 -6.83 8.98
N ALA B 73 -2.93 -7.72 8.01
CA ALA B 73 -3.29 -9.12 8.15
C ALA B 73 -2.75 -9.72 9.45
N LEU B 74 -1.46 -9.51 9.71
CA LEU B 74 -0.88 -10.04 10.94
C LEU B 74 -1.58 -9.51 12.18
N GLU B 75 -1.88 -8.21 12.21
CA GLU B 75 -2.58 -7.66 13.36
C GLU B 75 -3.92 -8.35 13.60
N CYS B 76 -4.69 -8.58 12.54
CA CYS B 76 -5.97 -9.25 12.71
C CYS B 76 -5.77 -10.69 13.19
N VAL B 77 -4.78 -11.39 12.64
CA VAL B 77 -4.55 -12.79 13.04
C VAL B 77 -4.09 -12.88 14.50
N GLN B 78 -3.21 -11.98 14.93
CA GLN B 78 -2.80 -11.95 16.34
C GLN B 78 -3.98 -11.68 17.27
N VAL B 79 -4.78 -10.66 16.95
CA VAL B 79 -5.89 -10.22 17.80
C VAL B 79 -7.05 -11.22 17.75
N GLY B 80 -7.25 -11.87 16.62
CA GLY B 80 -8.24 -12.93 16.58
C GLY B 80 -7.84 -14.11 17.45
N ALA B 81 -6.56 -14.45 17.46
CA ALA B 81 -6.04 -15.53 18.30
C ALA B 81 -6.11 -15.18 19.79
N MET B 82 -5.78 -13.93 20.14
CA MET B 82 -5.91 -13.51 21.53
C MET B 82 -7.36 -13.53 22.01
N MET B 83 -8.30 -13.21 21.14
CA MET B 83 -9.69 -13.21 21.55
C MET B 83 -10.22 -14.64 21.79
N HIS B 84 -9.79 -15.61 20.99
CA HIS B 84 -10.16 -17.00 21.26
C HIS B 84 -9.46 -17.53 22.49
N ASP B 85 -8.19 -17.15 22.68
CA ASP B 85 -7.43 -17.62 23.84
C ASP B 85 -8.00 -17.11 25.16
N ASP B 86 -8.56 -15.88 25.19
CA ASP B 86 -9.18 -15.36 26.42
C ASP B 86 -10.38 -16.20 26.82
N ILE B 87 -11.11 -16.75 25.84
CA ILE B 87 -12.19 -17.67 26.16
C ILE B 87 -11.65 -18.88 26.92
N ILE B 88 -10.45 -19.34 26.57
CA ILE B 88 -9.89 -20.55 27.16
C ILE B 88 -9.15 -20.27 28.48
N LYS B 97 -7.52 -5.20 30.37
CA LYS B 97 -8.58 -5.04 29.38
C LYS B 97 -9.64 -6.13 29.56
N PRO B 98 -10.90 -5.74 29.56
CA PRO B 98 -11.99 -6.73 29.66
C PRO B 98 -11.98 -7.65 28.45
N ALA B 99 -12.21 -8.93 28.68
CA ALA B 99 -12.23 -9.89 27.59
C ALA B 99 -13.54 -9.75 26.83
N ALA B 100 -13.46 -9.88 25.51
CA ALA B 100 -14.64 -9.70 24.66
C ALA B 100 -15.74 -10.68 25.02
N HIS B 101 -15.40 -11.86 25.53
CA HIS B 101 -16.48 -12.78 25.88
C HIS B 101 -17.24 -12.31 27.10
N THR B 102 -16.56 -11.70 28.06
CA THR B 102 -17.25 -11.10 29.20
C THR B 102 -18.16 -9.96 28.76
N VAL B 103 -17.67 -9.10 27.87
CA VAL B 103 -18.41 -7.92 27.42
C VAL B 103 -19.55 -8.31 26.49
N PHE B 104 -19.27 -9.18 25.53
CA PHE B 104 -20.27 -9.45 24.50
C PHE B 104 -20.94 -10.82 24.61
N GLY B 105 -20.43 -11.72 25.44
CA GLY B 105 -20.90 -13.10 25.37
C GLY B 105 -20.02 -13.95 24.46
N GLU B 106 -19.91 -15.23 24.81
CA GLU B 106 -19.05 -16.11 24.02
C GLU B 106 -19.48 -16.21 22.56
N PRO B 107 -20.77 -16.29 22.21
CA PRO B 107 -21.10 -16.41 20.79
C PRO B 107 -20.55 -15.26 19.95
N THR B 108 -20.66 -14.02 20.42
CA THR B 108 -20.11 -12.89 19.67
C THR B 108 -18.58 -12.92 19.69
N ALA B 109 -17.99 -13.37 20.80
CA ALA B 109 -16.54 -13.45 20.91
C ALA B 109 -15.94 -14.52 20.00
N ILE B 110 -16.63 -15.64 19.84
CA ILE B 110 -16.17 -16.67 18.91
C ILE B 110 -16.26 -16.15 17.48
N VAL B 111 -17.41 -15.61 17.11
CA VAL B 111 -17.60 -15.06 15.77
C VAL B 111 -16.59 -13.95 15.49
N GLY B 112 -16.38 -13.08 16.49
CA GLY B 112 -15.45 -11.96 16.30
C GLY B 112 -14.04 -12.45 16.02
N GLY B 113 -13.57 -13.41 16.81
CA GLY B 113 -12.25 -13.98 16.58
C GLY B 113 -12.13 -14.59 15.20
N ASP B 114 -13.19 -15.29 14.76
CA ASP B 114 -13.26 -15.79 13.39
C ASP B 114 -13.31 -14.65 12.38
N GLY B 115 -14.11 -13.61 12.67
CA GLY B 115 -14.14 -12.42 11.81
C GLY B 115 -12.78 -11.77 11.67
N LEU B 116 -12.02 -11.70 12.78
CA LEU B 116 -10.66 -11.16 12.76
C LEU B 116 -9.72 -12.02 11.89
N PHE B 117 -9.83 -13.34 11.96
CA PHE B 117 -9.05 -14.21 11.07
C PHE B 117 -9.31 -13.90 9.60
N PHE B 118 -10.58 -13.84 9.20
CA PHE B 118 -10.89 -13.72 7.78
C PHE B 118 -10.61 -12.33 7.24
N HIS B 119 -10.69 -11.30 8.10
CA HIS B 119 -10.18 -9.98 7.74
C HIS B 119 -8.67 -10.02 7.52
N GLY B 120 -7.98 -10.84 8.32
CA GLY B 120 -6.57 -11.07 8.08
C GLY B 120 -6.31 -11.72 6.73
N PHE B 121 -6.99 -12.83 6.45
CA PHE B 121 -6.84 -13.47 5.15
C PHE B 121 -7.19 -12.50 4.02
N ALA B 122 -8.27 -11.73 4.18
CA ALA B 122 -8.66 -10.80 3.15
C ALA B 122 -7.62 -9.70 2.97
N ALA B 123 -7.00 -9.21 4.06
CA ALA B 123 -6.00 -8.17 3.92
C ALA B 123 -4.74 -8.70 3.22
N LEU B 124 -4.35 -9.95 3.50
CA LEU B 124 -3.21 -10.55 2.81
C LEU B 124 -3.50 -10.76 1.32
N SER B 125 -4.74 -11.12 0.99
CA SER B 125 -5.12 -11.22 -0.42
C SER B 125 -4.93 -9.89 -1.16
N GLU B 126 -5.11 -8.77 -0.47
CA GLU B 126 -4.98 -7.44 -1.08
C GLU B 126 -3.56 -7.11 -1.53
N CYS B 127 -2.57 -7.88 -1.08
CA CYS B 127 -1.18 -7.62 -1.45
C CYS B 127 -0.97 -7.70 -2.96
N ARG B 128 -1.78 -8.51 -3.65
CA ARG B 128 -1.65 -8.68 -5.09
C ARG B 128 -1.81 -7.36 -5.84
N GLU B 129 -2.96 -6.70 -5.66
CA GLU B 129 -3.17 -5.42 -6.32
C GLU B 129 -2.18 -4.37 -5.85
N ALA B 130 -1.65 -4.52 -4.64
CA ALA B 130 -0.63 -3.60 -4.17
C ALA B 130 0.68 -3.76 -4.96
N GLY B 131 0.89 -4.87 -5.66
CA GLY B 131 2.08 -4.98 -6.49
C GLY B 131 2.79 -6.31 -6.37
N ALA B 132 2.36 -7.14 -5.45
CA ALA B 132 3.03 -8.42 -5.25
C ALA B 132 2.65 -9.40 -6.36
N PRO B 133 3.63 -10.09 -6.96
CA PRO B 133 3.30 -11.17 -7.90
C PRO B 133 2.39 -12.22 -7.25
N ALA B 134 1.47 -12.75 -8.06
CA ALA B 134 0.50 -13.72 -7.56
C ALA B 134 1.17 -14.92 -6.92
N GLU B 135 2.35 -15.31 -7.39
CA GLU B 135 3.07 -16.41 -6.75
C GLU B 135 3.55 -16.02 -5.35
N ARG B 136 4.04 -14.78 -5.17
CA ARG B 136 4.45 -14.37 -3.82
C ARG B 136 3.27 -14.30 -2.86
N VAL B 137 2.09 -13.87 -3.32
CA VAL B 137 0.91 -13.88 -2.44
C VAL B 137 0.60 -15.29 -1.98
N ALA B 138 0.66 -16.26 -2.90
CA ALA B 138 0.51 -17.67 -2.54
C ALA B 138 1.57 -18.13 -1.55
N GLN B 139 2.83 -17.73 -1.75
CA GLN B 139 3.87 -18.13 -0.81
C GLN B 139 3.61 -17.52 0.56
N ALA B 140 3.13 -16.28 0.59
CA ALA B 140 2.81 -15.62 1.86
C ALA B 140 1.66 -16.33 2.58
N PHE B 141 0.61 -16.74 1.86
CA PHE B 141 -0.48 -17.50 2.49
C PHE B 141 0.00 -18.83 3.06
N THR B 142 0.99 -19.48 2.41
CA THR B 142 1.53 -20.73 2.95
C THR B 142 2.37 -20.51 4.20
N VAL B 143 3.24 -19.49 4.19
CA VAL B 143 4.01 -19.15 5.39
C VAL B 143 3.07 -18.81 6.55
N LEU B 144 2.10 -17.93 6.28
CA LEU B 144 1.14 -17.49 7.29
C LEU B 144 0.34 -18.67 7.83
N SER B 145 -0.19 -19.49 6.93
CA SER B 145 -1.06 -20.61 7.33
C SER B 145 -0.28 -21.66 8.10
N ARG B 146 0.90 -22.04 7.61
CA ARG B 146 1.70 -23.04 8.31
C ARG B 146 2.02 -22.56 9.72
N ALA B 147 2.40 -21.29 9.87
CA ALA B 147 2.75 -20.74 11.19
C ALA B 147 1.56 -20.68 12.13
N GLY B 148 0.35 -20.47 11.62
CA GLY B 148 -0.81 -20.56 12.47
C GLY B 148 -1.01 -21.96 13.05
N LEU B 149 -0.79 -22.97 12.21
CA LEU B 149 -0.90 -24.34 12.70
C LEU B 149 0.17 -24.66 13.75
N ARG B 150 1.34 -23.99 13.71
CA ARG B 150 2.32 -24.15 14.77
C ARG B 150 1.79 -23.61 16.10
N ILE B 151 1.21 -22.42 16.06
CA ILE B 151 0.67 -21.76 17.25
C ILE B 151 -0.52 -22.51 17.81
N GLY B 152 -1.32 -23.15 16.94
CA GLY B 152 -2.40 -23.98 17.44
C GLY B 152 -1.91 -25.30 18.01
N SER B 153 -0.99 -25.96 17.32
CA SER B 153 -0.43 -27.20 17.84
C SER B 153 0.25 -26.98 19.17
N ALA B 154 1.15 -25.98 19.23
CA ALA B 154 1.90 -25.74 20.45
C ALA B 154 1.00 -25.37 21.61
N ALA B 155 -0.04 -24.56 21.34
CA ALA B 155 -1.00 -24.21 22.38
C ALA B 155 -1.66 -25.46 22.95
N LEU B 156 -1.90 -26.48 22.11
CA LEU B 156 -2.42 -27.75 22.61
C LEU B 156 -1.38 -28.48 23.44
N ARG B 157 -0.17 -28.67 22.88
CA ARG B 157 0.89 -29.40 23.57
C ARG B 157 1.26 -28.75 24.90
N GLU B 158 1.16 -27.42 24.98
CA GLU B 158 1.36 -26.72 26.24
C GLU B 158 0.41 -27.26 27.31
N ILE B 159 -0.80 -27.66 26.90
CA ILE B 159 -1.73 -28.29 27.82
C ILE B 159 -1.28 -29.71 28.15
N ARG B 160 -0.79 -30.44 27.15
CA ARG B 160 -0.40 -31.83 27.35
C ARG B 160 0.75 -31.99 28.33
N MET B 161 1.59 -30.96 28.46
CA MET B 161 2.76 -31.00 29.34
C MET B 161 2.48 -30.51 30.76
N SER B 162 1.39 -29.77 30.96
CA SER B 162 1.14 -29.16 32.26
C SER B 162 0.99 -30.23 33.33
N ARG B 163 1.43 -29.88 34.55
CA ARG B 163 1.40 -30.72 35.73
C ARG B 163 2.40 -31.87 35.66
N GLU B 164 3.37 -31.80 34.74
CA GLU B 164 4.40 -32.81 34.62
C GLU B 164 5.69 -32.14 34.14
N ILE B 165 6.82 -32.76 34.45
CA ILE B 165 8.14 -32.22 34.11
C ILE B 165 8.55 -32.69 32.72
N CYS B 166 9.13 -31.78 31.95
CA CYS B 166 9.62 -32.06 30.61
C CYS B 166 11.14 -32.01 30.58
N SER B 167 11.70 -32.51 29.50
CA SER B 167 13.08 -32.14 29.19
C SER B 167 13.16 -30.62 28.97
N VAL B 168 14.37 -30.09 29.14
CA VAL B 168 14.56 -28.69 28.79
C VAL B 168 14.49 -28.51 27.30
N GLN B 169 15.10 -29.44 26.55
CA GLN B 169 15.05 -29.34 25.10
C GLN B 169 13.64 -29.49 24.58
N ASP B 170 12.86 -30.41 25.15
CA ASP B 170 11.47 -30.56 24.74
C ASP B 170 10.68 -29.30 25.09
N TYR B 171 10.99 -28.69 26.24
CA TYR B 171 10.41 -27.39 26.58
C TYR B 171 10.84 -26.32 25.58
N LEU B 172 12.11 -26.30 25.20
CA LEU B 172 12.60 -25.30 24.25
C LEU B 172 11.89 -25.46 22.90
N ASP B 173 11.60 -26.70 22.50
CA ASP B 173 10.88 -26.92 21.26
C ASP B 173 9.50 -26.30 21.31
N MET B 174 8.77 -26.56 22.41
CA MET B 174 7.40 -26.11 22.59
C MET B 174 7.28 -24.60 22.41
N ILE B 175 8.11 -23.84 23.12
CA ILE B 175 7.99 -22.38 23.11
C ILE B 175 8.46 -21.77 21.78
N ALA B 176 9.31 -22.48 21.03
CA ALA B 176 9.67 -22.02 19.69
C ALA B 176 8.46 -22.05 18.75
N ASP B 177 7.56 -23.02 18.92
CA ASP B 177 6.36 -23.13 18.08
C ASP B 177 5.25 -22.19 18.49
N LYS B 178 5.24 -21.70 19.73
CA LYS B 178 4.23 -20.72 20.11
C LYS B 178 4.72 -19.30 19.85
N SER B 179 5.88 -18.96 20.43
CA SER B 179 6.33 -17.58 20.44
C SER B 179 7.28 -17.31 19.29
N GLY B 180 8.09 -18.33 18.93
CA GLY B 180 8.93 -18.20 17.75
C GLY B 180 8.12 -18.27 16.47
N ALA B 181 7.05 -19.07 16.48
CA ALA B 181 6.18 -19.14 15.30
C ALA B 181 5.44 -17.85 15.06
N LEU B 182 5.09 -17.13 16.13
CA LEU B 182 4.46 -15.84 15.97
C LEU B 182 5.41 -14.84 15.30
N LEU B 183 6.67 -14.79 15.74
CA LEU B 183 7.63 -13.91 15.09
C LEU B 183 7.88 -14.34 13.65
N TRP B 184 7.81 -15.63 13.38
CA TRP B 184 8.00 -16.10 12.00
C TRP B 184 6.87 -15.64 11.12
N MET B 185 5.64 -15.58 11.66
CA MET B 185 4.50 -15.04 10.92
C MET B 185 4.80 -13.63 10.41
N ALA B 186 5.37 -12.77 11.25
CA ALA B 186 5.75 -11.44 10.77
C ALA B 186 6.93 -11.51 9.80
N CYS B 187 8.06 -12.08 10.25
CA CYS B 187 9.31 -12.07 9.49
C CYS B 187 9.20 -12.87 8.21
N GLY B 188 8.59 -14.06 8.30
CA GLY B 188 8.44 -14.92 7.15
C GLY B 188 7.54 -14.35 6.08
N VAL B 189 6.42 -13.74 6.48
CA VAL B 189 5.51 -13.15 5.50
C VAL B 189 6.14 -11.89 4.90
N GLY B 190 6.72 -11.04 5.75
CA GLY B 190 7.30 -9.80 5.25
C GLY B 190 8.45 -10.04 4.29
N GLY B 191 9.38 -10.91 4.68
CA GLY B 191 10.50 -11.25 3.80
C GLY B 191 10.05 -11.89 2.50
N THR B 192 9.07 -12.79 2.56
CA THR B 192 8.54 -13.42 1.36
C THR B 192 7.97 -12.38 0.40
N LEU B 193 7.17 -11.46 0.94
CA LEU B 193 6.60 -10.40 0.11
C LEU B 193 7.66 -9.44 -0.38
N GLY B 194 8.73 -9.24 0.39
CA GLY B 194 9.83 -8.39 -0.04
C GLY B 194 10.77 -9.03 -1.03
N GLY B 195 10.61 -10.31 -1.34
CA GLY B 195 11.46 -10.98 -2.30
C GLY B 195 12.73 -11.58 -1.75
N ALA B 196 12.75 -11.99 -0.48
CA ALA B 196 13.93 -12.62 0.09
C ALA B 196 14.23 -13.95 -0.59
N ASP B 197 15.52 -14.25 -0.78
CA ASP B 197 15.92 -15.54 -1.32
C ASP B 197 15.93 -16.58 -0.22
N GLU B 198 16.22 -17.83 -0.58
CA GLU B 198 16.10 -18.91 0.40
C GLU B 198 17.07 -18.71 1.56
N ALA B 199 18.23 -18.09 1.30
CA ALA B 199 19.17 -17.84 2.37
C ALA B 199 18.66 -16.77 3.34
N ALA B 200 18.00 -15.73 2.82
CA ALA B 200 17.43 -14.71 3.71
C ALA B 200 16.28 -15.28 4.53
N LEU B 201 15.49 -16.17 3.95
CA LEU B 201 14.39 -16.80 4.67
C LEU B 201 14.89 -17.69 5.78
N LYS B 202 15.94 -18.46 5.52
CA LYS B 202 16.52 -19.25 6.59
C LYS B 202 17.07 -18.38 7.70
N ALA B 203 17.75 -17.29 7.36
CA ALA B 203 18.23 -16.39 8.41
C ALA B 203 17.06 -15.82 9.22
N LEU B 204 16.01 -15.33 8.53
CA LEU B 204 14.84 -14.75 9.22
C LEU B 204 14.10 -15.80 10.04
N SER B 205 14.06 -17.04 9.55
CA SER B 205 13.46 -18.14 10.29
C SER B 205 14.26 -18.44 11.56
N GLN B 206 15.59 -18.42 11.46
CA GLN B 206 16.42 -18.63 12.64
C GLN B 206 16.29 -17.48 13.63
N TYR B 207 16.26 -16.25 13.13
CA TYR B 207 16.09 -15.10 13.99
C TYR B 207 14.80 -15.17 14.78
N SER B 208 13.71 -15.60 14.12
CA SER B 208 12.39 -15.68 14.76
C SER B 208 12.40 -16.66 15.92
N ASP B 209 12.90 -17.87 15.68
CA ASP B 209 12.83 -18.89 16.72
C ASP B 209 13.69 -18.52 17.91
N GLN B 210 14.92 -18.04 17.66
CA GLN B 210 15.86 -17.75 18.74
C GLN B 210 15.38 -16.60 19.60
N LEU B 211 14.86 -15.54 18.95
CA LEU B 211 14.27 -14.41 19.64
C LEU B 211 12.97 -14.80 20.33
N GLY B 212 12.20 -15.69 19.69
CA GLY B 212 11.00 -16.21 20.33
C GLY B 212 11.31 -16.97 21.61
N ILE B 213 12.39 -17.75 21.60
CA ILE B 213 12.84 -18.43 22.82
C ILE B 213 13.20 -17.42 23.90
N ALA B 214 14.02 -16.43 23.56
CA ALA B 214 14.45 -15.45 24.53
C ALA B 214 13.28 -14.64 25.12
N TYR B 215 12.31 -14.26 24.28
CA TYR B 215 11.17 -13.51 24.81
C TYR B 215 10.41 -14.36 25.81
N GLN B 216 10.21 -15.65 25.50
CA GLN B 216 9.45 -16.51 26.38
C GLN B 216 10.17 -16.70 27.71
N ILE B 217 11.50 -16.85 27.67
CA ILE B 217 12.27 -16.98 28.89
C ILE B 217 12.20 -15.71 29.73
N ARG B 218 12.48 -14.56 29.09
CA ARG B 218 12.44 -13.30 29.80
C ARG B 218 11.09 -13.06 30.46
N ASP B 219 10.01 -13.51 29.81
CA ASP B 219 8.67 -13.39 30.37
C ASP B 219 8.54 -14.20 31.64
N ASP B 220 9.08 -15.42 31.65
CA ASP B 220 9.11 -16.24 32.86
C ASP B 220 9.88 -15.55 33.98
N LEU B 221 10.95 -14.83 33.64
CA LEU B 221 11.82 -14.23 34.63
C LEU B 221 11.19 -13.04 35.35
N MET B 222 10.12 -12.47 34.81
CA MET B 222 9.44 -11.39 35.51
C MET B 222 8.86 -11.87 36.85
N ALA B 223 8.60 -13.16 37.00
CA ALA B 223 8.08 -13.73 38.22
C ALA B 223 9.16 -14.17 39.20
N TYR B 224 10.43 -13.93 38.88
CA TYR B 224 11.50 -14.30 39.79
C TYR B 224 12.54 -13.18 39.83
N ASN B 239 -1.19 -17.90 35.60
CA ASN B 239 -0.52 -18.88 36.45
C ASN B 239 -0.08 -20.10 35.63
N GLY B 240 0.84 -19.88 34.69
CA GLY B 240 1.32 -20.97 33.85
C GLY B 240 2.21 -21.90 34.65
N ARG B 241 1.97 -23.22 34.51
CA ARG B 241 2.66 -24.20 35.37
C ARG B 241 4.11 -24.42 34.93
N PRO B 242 4.39 -25.15 33.84
CA PRO B 242 5.78 -25.52 33.55
C PRO B 242 6.55 -24.38 32.90
N THR B 243 7.83 -24.26 33.25
CA THR B 243 8.52 -23.00 33.00
C THR B 243 10.01 -23.15 33.30
N LEU B 244 10.84 -22.40 32.54
CA LEU B 244 12.27 -22.68 32.52
C LEU B 244 12.98 -22.49 33.86
N PRO B 245 12.77 -21.40 34.62
CA PRO B 245 13.44 -21.32 35.94
C PRO B 245 13.14 -22.52 36.81
N VAL B 246 11.86 -22.91 36.90
CA VAL B 246 11.46 -24.10 37.65
C VAL B 246 12.15 -25.34 37.08
N LEU B 247 12.18 -25.45 35.76
CA LEU B 247 12.65 -26.65 35.08
C LEU B 247 14.16 -26.82 35.22
N LEU B 248 14.91 -25.72 35.22
CA LEU B 248 16.35 -25.81 35.44
C LEU B 248 16.66 -26.22 36.89
N ALA B 249 15.82 -25.81 37.84
CA ALA B 249 16.01 -26.21 39.23
C ALA B 249 15.88 -27.72 39.43
N HIS B 250 14.89 -28.34 38.77
CA HIS B 250 14.67 -29.77 38.92
C HIS B 250 15.91 -30.57 38.55
N GLU B 251 16.55 -30.22 37.44
CA GLU B 251 17.70 -30.97 36.96
C GLU B 251 18.85 -30.89 37.95
N ARG B 252 19.09 -29.72 38.54
CA ARG B 252 20.18 -29.57 39.49
C ARG B 252 19.84 -30.13 40.86
N ALA B 253 18.56 -30.31 41.13
CA ALA B 253 18.11 -30.72 42.45
C ALA B 253 18.35 -32.21 42.69
N PRO B 254 18.61 -32.60 43.93
CA PRO B 254 18.58 -34.03 44.26
C PRO B 254 17.19 -34.59 44.07
N ARG B 255 17.11 -35.91 44.04
CA ARG B 255 15.91 -36.61 43.57
C ARG B 255 14.71 -36.33 44.46
N GLU B 256 14.90 -36.25 45.77
CA GLU B 256 13.78 -35.96 46.67
C GLU B 256 13.18 -34.58 46.42
N GLN B 257 14.01 -33.60 46.07
CA GLN B 257 13.49 -32.25 45.84
C GLN B 257 12.63 -32.21 44.59
N GLN B 258 13.03 -32.98 43.59
CA GLN B 258 12.30 -33.08 42.34
C GLN B 258 10.85 -33.51 42.57
N LEU B 259 10.67 -34.54 43.39
CA LEU B 259 9.34 -35.08 43.68
C LEU B 259 8.45 -34.06 44.40
N ARG B 260 9.06 -33.15 45.15
CA ARG B 260 8.30 -32.13 45.85
C ARG B 260 7.74 -31.10 44.88
N ILE B 261 8.54 -30.71 43.89
CA ILE B 261 8.07 -29.78 42.87
C ILE B 261 7.07 -30.50 41.97
N GLU B 262 7.29 -31.79 41.70
CA GLU B 262 6.36 -32.56 40.89
C GLU B 262 4.95 -32.51 41.46
N ARG B 263 4.82 -32.64 42.79
CA ARG B 263 3.50 -32.48 43.36
C ARG B 263 3.07 -31.02 43.35
N LEU B 264 3.99 -30.10 43.66
CA LEU B 264 3.67 -28.68 43.64
C LEU B 264 3.12 -28.25 42.29
N LEU B 265 3.45 -28.98 41.23
CA LEU B 265 2.83 -28.76 39.92
C LEU B 265 1.57 -29.59 39.72
N ALA B 266 1.44 -30.69 40.47
CA ALA B 266 0.38 -31.68 40.23
C ALA B 266 -0.98 -31.21 40.74
N ASP B 267 -1.13 -31.05 42.05
CA ASP B 267 -2.43 -30.64 42.60
C ASP B 267 -2.74 -29.18 42.30
N ALA B 270 -6.42 -21.91 45.45
CA ALA B 270 -6.25 -21.98 46.90
C ALA B 270 -4.95 -22.68 47.33
N PRO B 271 -4.67 -23.90 46.84
CA PRO B 271 -3.39 -24.52 47.18
C PRO B 271 -2.24 -24.00 46.34
N ALA B 272 -2.53 -23.48 45.13
CA ALA B 272 -1.47 -23.05 44.23
C ALA B 272 -0.55 -22.03 44.89
N ALA B 273 -1.13 -21.01 45.53
CA ALA B 273 -0.32 -19.99 46.23
C ALA B 273 0.67 -20.62 47.20
N GLU B 274 0.22 -21.59 48.00
CA GLU B 274 1.14 -22.33 48.87
C GLU B 274 2.14 -23.13 48.05
N ARG B 275 1.68 -23.75 46.98
CA ARG B 275 2.55 -24.54 46.12
C ARG B 275 3.59 -23.68 45.42
N TYR B 276 3.24 -22.42 45.11
CA TYR B 276 4.19 -21.51 44.48
C TYR B 276 5.41 -21.25 45.36
N LYS B 277 5.19 -20.86 46.62
CA LYS B 277 6.33 -20.44 47.45
C LYS B 277 7.32 -21.59 47.63
N ALA B 278 6.80 -22.81 47.77
CA ALA B 278 7.66 -23.97 47.78
C ALA B 278 8.38 -24.14 46.44
N MET B 279 7.71 -23.79 45.33
CA MET B 279 8.36 -23.81 44.02
C MET B 279 9.44 -22.73 43.92
N ALA B 280 9.10 -21.50 44.33
CA ALA B 280 10.03 -20.40 44.22
C ALA B 280 11.26 -20.58 45.10
N ASP B 281 11.13 -21.31 46.22
CA ASP B 281 12.30 -21.59 47.05
C ASP B 281 13.25 -22.55 46.36
N LEU B 282 12.71 -23.58 45.72
CA LEU B 282 13.60 -24.51 45.05
C LEU B 282 14.20 -23.87 43.81
N VAL B 283 13.48 -22.94 43.19
CA VAL B 283 14.07 -22.15 42.10
C VAL B 283 15.21 -21.30 42.63
N GLY B 284 15.00 -20.64 43.77
CA GLY B 284 16.08 -19.89 44.41
C GLY B 284 17.17 -20.80 44.96
N ALA B 285 16.81 -21.98 45.45
CA ALA B 285 17.79 -22.88 46.06
C ALA B 285 18.80 -23.38 45.04
N TYR B 286 18.40 -23.53 43.78
CA TYR B 286 19.26 -24.06 42.73
C TYR B 286 19.50 -23.04 41.62
N ASP B 287 19.45 -21.75 41.98
CA ASP B 287 19.85 -20.66 41.08
C ASP B 287 19.13 -20.74 39.74
N GLY B 288 17.86 -21.13 39.78
CA GLY B 288 17.10 -21.34 38.54
C GLY B 288 16.92 -20.10 37.70
N ALA B 289 16.78 -18.93 38.33
CA ALA B 289 16.46 -17.72 37.57
C ALA B 289 17.69 -17.21 36.81
N GLN B 290 18.85 -17.21 37.45
CA GLN B 290 20.05 -16.78 36.75
C GLN B 290 20.41 -17.77 35.63
N ALA B 291 20.27 -19.07 35.89
CA ALA B 291 20.54 -20.05 34.84
C ALA B 291 19.62 -19.85 33.62
N ALA B 292 18.34 -19.58 33.86
CA ALA B 292 17.45 -19.26 32.74
C ALA B 292 17.91 -18.01 31.99
N ARG B 293 18.42 -17.01 32.73
CA ARG B 293 18.90 -15.80 32.09
C ARG B 293 20.07 -16.06 31.15
N GLU B 294 20.97 -16.97 31.52
CA GLU B 294 22.12 -17.26 30.65
C GLU B 294 21.71 -18.09 29.44
N VAL B 295 20.75 -19.00 29.61
CA VAL B 295 20.16 -19.63 28.44
C VAL B 295 19.54 -18.57 27.56
N SER B 296 18.80 -17.64 28.17
CA SER B 296 18.16 -16.57 27.43
C SER B 296 19.16 -15.79 26.59
N HIS B 297 20.23 -15.31 27.22
CA HIS B 297 21.21 -14.54 26.46
C HIS B 297 21.93 -15.40 25.41
N ARG B 298 22.02 -16.71 25.64
CA ARG B 298 22.58 -17.59 24.61
C ARG B 298 21.73 -17.58 23.35
N HIS B 299 20.40 -17.58 23.49
CA HIS B 299 19.54 -17.57 22.32
C HIS B 299 19.51 -16.20 21.66
N VAL B 300 19.66 -15.14 22.45
CA VAL B 300 19.81 -13.80 21.91
C VAL B 300 21.02 -13.75 20.97
N GLN B 301 22.13 -14.39 21.37
CA GLN B 301 23.34 -14.38 20.54
C GLN B 301 23.10 -15.07 19.21
N LEU B 302 22.34 -16.16 19.20
CA LEU B 302 22.00 -16.85 17.95
C LEU B 302 21.02 -16.05 17.09
N ALA B 303 20.17 -15.23 17.72
CA ALA B 303 19.26 -14.39 16.95
C ALA B 303 20.02 -13.33 16.16
N THR B 304 20.91 -12.60 16.82
CA THR B 304 21.71 -11.62 16.10
C THR B 304 22.71 -12.29 15.16
N ARG B 305 23.15 -13.50 15.49
CA ARG B 305 24.00 -14.23 14.54
C ARG B 305 23.27 -14.42 13.21
N ALA B 306 22.04 -14.90 13.24
CA ALA B 306 21.28 -15.12 12.00
C ALA B 306 21.11 -13.83 11.20
N LEU B 307 20.89 -12.69 11.88
CA LEU B 307 20.63 -11.45 11.16
C LEU B 307 21.78 -11.07 10.22
N GLN B 308 23.00 -11.50 10.55
CA GLN B 308 24.15 -11.04 9.77
C GLN B 308 24.09 -11.53 8.33
N THR B 309 23.23 -12.51 8.01
CA THR B 309 23.04 -12.92 6.61
C THR B 309 22.40 -11.83 5.76
N LEU B 310 21.55 -11.01 6.35
CA LEU B 310 20.94 -9.94 5.58
C LEU B 310 21.95 -8.83 5.33
N PRO B 311 21.77 -8.07 4.25
CA PRO B 311 22.67 -6.95 3.95
C PRO B 311 22.49 -5.84 4.97
N PRO B 312 23.51 -4.98 5.14
CA PRO B 312 23.37 -3.84 6.06
C PRO B 312 22.37 -2.81 5.58
N SER B 313 21.53 -2.37 6.50
CA SER B 313 20.49 -1.41 6.25
C SER B 313 20.02 -0.92 7.61
N PRO B 314 19.26 0.19 7.66
CA PRO B 314 18.68 0.59 8.94
C PRO B 314 17.67 -0.41 9.49
N HIS B 315 17.07 -1.21 8.62
CA HIS B 315 16.08 -2.20 9.05
C HIS B 315 16.74 -3.34 9.79
N ARG B 316 17.89 -3.81 9.28
CA ARG B 316 18.65 -4.81 10.02
C ARG B 316 19.01 -4.29 11.41
N ASP B 317 19.43 -3.03 11.50
CA ASP B 317 19.73 -2.44 12.81
C ASP B 317 18.52 -2.47 13.70
N ALA B 318 17.35 -2.13 13.14
CA ALA B 318 16.12 -2.12 13.92
C ALA B 318 15.79 -3.52 14.44
N LEU B 319 15.98 -4.55 13.61
CA LEU B 319 15.81 -5.92 14.10
C LEU B 319 16.90 -6.31 15.10
N GLU B 320 18.13 -5.80 14.93
CA GLU B 320 19.17 -6.07 15.93
C GLU B 320 18.79 -5.44 17.27
N ASP B 321 18.38 -4.17 17.25
CA ASP B 321 17.92 -3.52 18.47
C ASP B 321 16.72 -4.24 19.08
N LEU B 322 15.93 -4.99 18.29
CA LEU B 322 14.77 -5.67 18.84
C LEU B 322 15.14 -6.79 19.79
N THR B 323 16.38 -7.29 19.75
CA THR B 323 16.82 -8.35 20.66
C THR B 323 17.19 -7.84 22.05
N VAL B 324 17.28 -6.52 22.24
CA VAL B 324 17.75 -5.97 23.51
C VAL B 324 16.69 -6.21 24.60
N PRO B 325 17.08 -6.50 25.84
CA PRO B 325 16.08 -6.75 26.88
C PRO B 325 15.16 -5.56 27.11
N GLY B 326 13.85 -5.85 27.16
CA GLY B 326 12.83 -4.83 27.29
C GLY B 326 12.39 -4.17 26.01
N ARG B 327 13.07 -4.42 24.88
CA ARG B 327 12.72 -3.70 23.65
C ARG B 327 11.53 -4.34 22.95
N LEU B 328 11.46 -5.67 22.98
CA LEU B 328 10.37 -6.41 22.35
C LEU B 328 9.15 -6.45 23.28
N VAL B 329 7.98 -6.17 22.72
CA VAL B 329 6.72 -6.30 23.45
C VAL B 329 5.75 -7.03 22.53
N LEU B 330 5.41 -8.28 22.87
CA LEU B 330 4.40 -9.03 22.12
C LEU B 330 3.09 -9.13 22.90
N MET C 47 25.12 33.39 -6.80
CA MET C 47 24.83 33.04 -8.18
C MET C 47 25.97 33.43 -9.11
N MET C 48 26.99 32.58 -9.19
CA MET C 48 27.91 32.72 -10.32
C MET C 48 27.36 32.00 -11.55
N GLY C 49 26.25 31.27 -11.41
CA GLY C 49 25.70 30.50 -12.50
C GLY C 49 25.38 31.28 -13.76
N PRO C 50 24.64 32.39 -13.64
CA PRO C 50 24.38 33.19 -14.85
C PRO C 50 25.65 33.73 -15.49
N TRP C 51 26.59 34.20 -14.68
CA TRP C 51 27.89 34.61 -15.20
C TRP C 51 28.64 33.41 -15.80
N LEU C 52 28.52 32.24 -15.16
CA LEU C 52 29.18 31.04 -15.65
C LEU C 52 28.57 30.53 -16.96
N LEU C 53 27.25 30.62 -17.10
CA LEU C 53 26.62 30.15 -18.34
C LEU C 53 27.00 31.02 -19.53
N ILE C 54 27.03 32.34 -19.34
CA ILE C 54 27.25 33.25 -20.48
C ILE C 54 28.69 33.15 -20.96
N ARG C 55 29.65 33.16 -20.04
CA ARG C 55 31.04 33.01 -20.44
C ARG C 55 31.27 31.63 -21.06
N SER C 56 30.63 30.61 -20.50
CA SER C 56 30.82 29.24 -20.98
C SER C 56 30.36 29.09 -22.41
N ALA C 57 29.20 29.68 -22.74
CA ALA C 57 28.70 29.65 -24.12
C ALA C 57 29.61 30.43 -25.05
N LEU C 58 30.14 31.57 -24.58
CA LEU C 58 30.95 32.39 -25.46
C LEU C 58 32.36 31.84 -25.63
N ALA C 59 32.92 31.17 -24.61
CA ALA C 59 34.29 30.67 -24.73
C ALA C 59 34.46 29.67 -25.86
N VAL C 60 33.40 28.98 -26.27
CA VAL C 60 33.48 28.00 -27.34
C VAL C 60 32.96 28.55 -28.66
N GLY C 61 32.73 29.86 -28.74
CA GLY C 61 32.27 30.47 -29.96
C GLY C 61 30.76 30.56 -30.11
N GLY C 62 30.02 30.54 -29.00
CA GLY C 62 28.58 30.63 -29.08
C GLY C 62 28.14 32.07 -29.27
N ASP C 63 26.82 32.24 -29.34
CA ASP C 63 26.20 33.52 -29.62
C ASP C 63 25.60 34.10 -28.34
N ILE C 64 25.67 35.40 -28.20
CA ILE C 64 25.15 36.02 -27.00
C ILE C 64 23.63 36.06 -27.03
N ALA C 65 23.04 36.14 -28.24
CA ALA C 65 21.59 36.28 -28.38
C ALA C 65 20.86 35.10 -27.78
N THR C 66 21.56 33.99 -27.63
CA THR C 66 21.08 32.74 -27.08
C THR C 66 21.36 32.62 -25.58
N ALA C 67 22.59 32.95 -25.16
CA ALA C 67 22.97 32.80 -23.76
C ALA C 67 22.18 33.71 -22.83
N LEU C 68 21.70 34.85 -23.34
CA LEU C 68 20.98 35.79 -22.48
C LEU C 68 19.61 35.25 -22.10
N PRO C 69 18.77 34.77 -23.02
CA PRO C 69 17.54 34.09 -22.58
C PRO C 69 17.79 32.78 -21.86
N ALA C 70 18.85 32.04 -22.24
CA ALA C 70 19.20 30.82 -21.51
C ALA C 70 19.50 31.10 -20.04
N ALA C 71 19.97 32.31 -19.73
CA ALA C 71 20.29 32.68 -18.35
C ALA C 71 19.01 32.94 -17.54
N VAL C 72 18.02 33.61 -18.14
CA VAL C 72 16.70 33.66 -17.50
C VAL C 72 16.24 32.24 -17.19
N ALA C 73 16.38 31.34 -18.18
CA ALA C 73 16.04 29.94 -17.96
C ALA C 73 16.87 29.31 -16.84
N LEU C 74 18.17 29.64 -16.80
CA LEU C 74 19.06 29.00 -15.84
C LEU C 74 18.83 29.49 -14.43
N GLU C 75 18.77 30.80 -14.24
CA GLU C 75 18.57 31.30 -12.89
C GLU C 75 17.19 30.91 -12.39
N CYS C 76 16.23 30.71 -13.30
CA CYS C 76 14.91 30.22 -12.92
C CYS C 76 15.01 28.92 -12.13
N VAL C 77 15.83 27.99 -12.62
CA VAL C 77 15.97 26.70 -11.98
C VAL C 77 16.62 26.82 -10.61
N GLN C 78 17.63 27.67 -10.50
CA GLN C 78 18.34 27.76 -9.23
C GLN C 78 17.48 28.45 -8.17
N VAL C 79 16.71 29.46 -8.57
CA VAL C 79 15.77 30.06 -7.65
C VAL C 79 14.73 29.02 -7.20
N GLY C 80 14.35 28.11 -8.09
CA GLY C 80 13.47 27.03 -7.67
C GLY C 80 14.12 26.09 -6.66
N ALA C 81 15.34 25.63 -6.98
CA ALA C 81 16.11 24.79 -6.07
C ALA C 81 16.30 25.46 -4.71
N MET C 82 16.64 26.75 -4.72
CA MET C 82 16.83 27.49 -3.47
C MET C 82 15.51 27.64 -2.70
N MET C 83 14.40 27.86 -3.38
CA MET C 83 13.13 27.95 -2.68
C MET C 83 12.80 26.63 -1.97
N HIS C 84 13.16 25.49 -2.57
CA HIS C 84 12.95 24.21 -1.90
C HIS C 84 13.96 24.02 -0.77
N ASP C 85 15.14 24.63 -0.91
CA ASP C 85 16.10 24.53 0.19
C ASP C 85 15.60 25.31 1.41
N ASP C 86 14.81 26.38 1.21
CA ASP C 86 14.33 27.11 2.37
C ASP C 86 13.35 26.27 3.16
N ILE C 87 12.49 25.50 2.46
CA ILE C 87 11.54 24.63 3.16
C ILE C 87 12.26 23.53 3.91
N ILE C 88 13.15 22.80 3.23
CA ILE C 88 13.84 21.71 3.92
C ILE C 88 14.62 22.20 5.13
N ASP C 89 14.90 23.50 5.21
CA ASP C 89 15.46 24.13 6.42
C ASP C 89 14.53 25.25 6.95
N PHE C 104 6.06 34.44 2.28
CA PHE C 104 6.14 33.35 1.32
C PHE C 104 4.99 32.38 1.54
N GLY C 105 5.14 31.53 2.56
CA GLY C 105 4.19 30.47 2.83
C GLY C 105 4.72 29.15 2.31
N GLU C 106 4.58 28.07 3.08
CA GLU C 106 5.06 26.78 2.59
C GLU C 106 4.41 26.37 1.28
N PRO C 107 3.08 26.43 1.13
CA PRO C 107 2.47 26.11 -0.17
C PRO C 107 3.07 26.85 -1.35
N THR C 108 3.26 28.16 -1.22
CA THR C 108 3.70 28.96 -2.35
C THR C 108 5.16 28.67 -2.68
N ALA C 109 5.98 28.43 -1.66
CA ALA C 109 7.38 28.14 -1.90
C ALA C 109 7.56 26.80 -2.61
N ILE C 110 6.70 25.84 -2.30
CA ILE C 110 6.72 24.54 -2.97
C ILE C 110 6.11 24.65 -4.36
N VAL C 111 4.86 25.14 -4.44
CA VAL C 111 4.20 25.18 -5.74
C VAL C 111 4.85 26.19 -6.66
N GLY C 112 5.29 27.33 -6.13
CA GLY C 112 5.96 28.31 -6.96
C GLY C 112 7.32 27.85 -7.44
N GLY C 113 8.08 27.20 -6.56
CA GLY C 113 9.34 26.60 -6.96
C GLY C 113 9.19 25.53 -8.02
N ASP C 114 8.19 24.67 -7.88
CA ASP C 114 7.92 23.69 -8.94
C ASP C 114 7.67 24.41 -10.26
N GLY C 115 6.90 25.50 -10.20
CA GLY C 115 6.65 26.30 -11.39
C GLY C 115 7.92 26.84 -12.04
N LEU C 116 8.90 27.23 -11.23
CA LEU C 116 10.13 27.79 -11.79
C LEU C 116 10.98 26.74 -12.53
N PHE C 117 10.91 25.46 -12.12
CA PHE C 117 11.57 24.42 -12.89
C PHE C 117 10.97 24.33 -14.28
N PHE C 118 9.64 24.43 -14.38
CA PHE C 118 8.95 24.38 -15.66
C PHE C 118 9.24 25.63 -16.47
N HIS C 119 9.40 26.77 -15.80
CA HIS C 119 9.83 28.00 -16.45
C HIS C 119 11.20 27.82 -17.10
N GLY C 120 12.13 27.21 -16.39
CA GLY C 120 13.47 27.02 -16.92
C GLY C 120 13.49 26.18 -18.19
N PHE C 121 12.75 25.08 -18.21
CA PHE C 121 12.77 24.22 -19.40
C PHE C 121 12.07 24.89 -20.58
N ALA C 122 10.94 25.56 -20.35
CA ALA C 122 10.30 26.31 -21.44
C ALA C 122 11.23 27.38 -22.00
N ALA C 123 11.87 28.15 -21.12
CA ALA C 123 12.75 29.21 -21.58
C ALA C 123 13.92 28.66 -22.36
N LEU C 124 14.49 27.55 -21.89
CA LEU C 124 15.54 26.88 -22.64
C LEU C 124 15.01 26.47 -24.00
N SER C 125 13.76 26.03 -24.07
CA SER C 125 13.17 25.67 -25.36
C SER C 125 13.03 26.91 -26.26
N GLU C 126 12.76 28.08 -25.69
CA GLU C 126 12.67 29.34 -26.46
C GLU C 126 14.00 29.80 -27.01
N CYS C 127 15.13 29.22 -26.60
CA CYS C 127 16.39 29.60 -27.20
C CYS C 127 16.39 29.40 -28.72
N ARG C 128 15.53 28.51 -29.25
CA ARG C 128 15.41 28.39 -30.70
C ARG C 128 14.76 29.63 -31.31
N GLU C 129 13.71 30.14 -30.69
CA GLU C 129 13.12 31.40 -31.14
C GLU C 129 14.13 32.53 -31.03
N ALA C 130 15.15 32.36 -30.19
CA ALA C 130 16.22 33.34 -30.14
C ALA C 130 17.35 33.03 -31.11
N GLY C 131 17.30 31.89 -31.77
CA GLY C 131 18.29 31.52 -32.79
C GLY C 131 19.05 30.23 -32.52
N ALA C 132 18.80 29.51 -31.43
CA ALA C 132 19.62 28.33 -31.12
C ALA C 132 19.22 27.17 -32.02
N PRO C 133 20.19 26.40 -32.50
CA PRO C 133 19.88 25.20 -33.27
C PRO C 133 19.15 24.18 -32.40
N ALA C 134 18.08 23.62 -32.95
CA ALA C 134 17.27 22.68 -32.21
C ALA C 134 18.08 21.52 -31.64
N GLU C 135 19.09 21.07 -32.38
CA GLU C 135 19.86 19.91 -31.92
C GLU C 135 20.58 20.22 -30.60
N ARG C 136 21.17 21.42 -30.49
CA ARG C 136 21.86 21.82 -29.27
C ARG C 136 20.87 21.98 -28.11
N VAL C 137 19.67 22.48 -28.38
CA VAL C 137 18.69 22.66 -27.32
C VAL C 137 18.30 21.31 -26.70
N ALA C 138 18.05 20.31 -27.55
CA ALA C 138 17.64 19.00 -27.07
C ALA C 138 18.71 18.34 -26.22
N GLN C 139 19.98 18.46 -26.63
CA GLN C 139 21.06 17.87 -25.86
C GLN C 139 21.21 18.58 -24.50
N ALA C 140 20.96 19.89 -24.47
CA ALA C 140 20.93 20.66 -23.22
C ALA C 140 19.78 20.22 -22.31
N PHE C 141 18.65 19.78 -22.87
CA PHE C 141 17.59 19.22 -22.04
C PHE C 141 18.13 18.09 -21.18
N THR C 142 18.89 17.18 -21.82
CA THR C 142 19.49 16.07 -21.12
C THR C 142 20.46 16.57 -20.05
N VAL C 143 21.27 17.57 -20.39
CA VAL C 143 22.29 18.06 -19.47
C VAL C 143 21.63 18.72 -18.26
N LEU C 144 20.65 19.59 -18.51
CA LEU C 144 19.97 20.26 -17.41
C LEU C 144 19.24 19.27 -16.51
N SER C 145 18.49 18.33 -17.12
CA SER C 145 17.72 17.41 -16.31
C SER C 145 18.64 16.52 -15.47
N ARG C 146 19.72 15.99 -16.06
CA ARG C 146 20.63 15.15 -15.28
C ARG C 146 21.36 15.93 -14.18
N ALA C 147 21.66 17.22 -14.40
CA ALA C 147 22.26 18.00 -13.32
C ALA C 147 21.30 18.14 -12.15
N GLY C 148 20.02 18.36 -12.45
CA GLY C 148 19.01 18.36 -11.39
C GLY C 148 18.96 17.06 -10.62
N LEU C 149 18.99 15.92 -11.33
CA LEU C 149 19.01 14.63 -10.64
C LEU C 149 20.23 14.44 -9.76
N ARG C 150 21.38 14.99 -10.19
CA ARG C 150 22.60 14.91 -9.38
C ARG C 150 22.40 15.58 -8.05
N ILE C 151 21.77 16.75 -8.07
CA ILE C 151 21.47 17.47 -6.83
C ILE C 151 20.48 16.66 -5.99
N GLY C 152 19.55 15.96 -6.66
CA GLY C 152 18.59 15.15 -5.92
C GLY C 152 19.23 13.98 -5.19
N SER C 153 20.12 13.25 -5.86
CA SER C 153 20.77 12.12 -5.21
C SER C 153 21.68 12.57 -4.08
N ALA C 154 22.29 13.75 -4.21
CA ALA C 154 23.21 14.25 -3.20
C ALA C 154 22.50 14.85 -1.99
N ALA C 155 21.42 15.61 -2.23
CA ALA C 155 20.65 16.21 -1.14
C ALA C 155 20.07 15.18 -0.19
N LEU C 156 19.67 14.00 -0.71
CA LEU C 156 19.21 12.92 0.14
C LEU C 156 20.36 12.32 0.91
N ARG C 157 21.50 12.14 0.25
CA ARG C 157 22.71 11.65 0.89
C ARG C 157 23.12 12.55 2.04
N GLU C 158 23.05 13.86 1.85
CA GLU C 158 23.31 14.80 2.94
C GLU C 158 22.36 14.57 4.11
N ILE C 159 21.07 14.41 3.81
CA ILE C 159 20.09 14.15 4.87
C ILE C 159 20.45 12.89 5.65
N ARG C 160 20.89 11.84 4.95
CA ARG C 160 21.22 10.56 5.57
C ARG C 160 22.60 10.54 6.20
N MET C 161 23.35 11.63 6.13
CA MET C 161 24.67 11.71 6.72
C MET C 161 24.73 12.48 8.04
N SER C 162 23.69 13.25 8.36
CA SER C 162 23.81 14.15 9.49
C SER C 162 23.98 13.37 10.79
N ARG C 163 24.69 13.99 11.74
CA ARG C 163 24.97 13.44 13.06
C ARG C 163 26.01 12.30 13.03
N GLU C 164 26.80 12.15 11.97
CA GLU C 164 27.77 11.07 11.91
C GLU C 164 28.94 11.46 11.02
N ILE C 165 30.11 10.94 11.34
CA ILE C 165 31.32 11.11 10.53
C ILE C 165 31.34 10.07 9.41
N CYS C 166 31.83 10.48 8.23
CA CYS C 166 32.03 9.58 7.10
C CYS C 166 33.40 9.82 6.47
N SER C 167 33.75 9.02 5.47
CA SER C 167 35.04 9.17 4.82
C SER C 167 35.10 10.44 3.96
N VAL C 168 36.31 10.98 3.80
CA VAL C 168 36.52 12.22 3.06
C VAL C 168 36.06 12.07 1.61
N GLN C 169 36.47 10.99 0.94
CA GLN C 169 36.10 10.83 -0.46
C GLN C 169 34.59 10.72 -0.62
N ASP C 170 33.89 10.22 0.41
CA ASP C 170 32.43 10.31 0.45
C ASP C 170 31.98 11.76 0.45
N TYR C 171 32.63 12.60 1.26
CA TYR C 171 32.23 14.01 1.38
C TYR C 171 32.46 14.75 0.07
N LEU C 172 33.64 14.57 -0.53
CA LEU C 172 33.96 15.31 -1.75
C LEU C 172 33.04 14.91 -2.90
N ASP C 173 32.72 13.63 -3.03
CA ASP C 173 31.78 13.21 -4.05
C ASP C 173 30.37 13.68 -3.71
N MET C 174 30.03 13.72 -2.42
CA MET C 174 28.74 14.26 -2.03
C MET C 174 28.64 15.73 -2.46
N ILE C 175 29.66 16.53 -2.14
CA ILE C 175 29.57 17.95 -2.51
C ILE C 175 29.84 18.15 -4.01
N ALA C 176 30.59 17.25 -4.64
CA ALA C 176 30.78 17.33 -6.08
C ALA C 176 29.49 17.02 -6.83
N ASP C 177 28.67 16.11 -6.30
CA ASP C 177 27.42 15.81 -7.00
C ASP C 177 26.33 16.82 -6.65
N LYS C 178 26.33 17.38 -5.42
CA LYS C 178 25.39 18.46 -5.09
C LYS C 178 25.85 19.80 -5.65
N SER C 179 26.92 20.36 -5.08
CA SER C 179 27.38 21.70 -5.44
C SER C 179 28.12 21.72 -6.77
N GLY C 180 28.82 20.66 -7.13
CA GLY C 180 29.50 20.65 -8.40
C GLY C 180 28.54 20.63 -9.57
N ALA C 181 27.45 19.84 -9.45
CA ALA C 181 26.41 19.82 -10.48
C ALA C 181 25.62 21.11 -10.52
N LEU C 182 25.60 21.86 -9.42
CA LEU C 182 24.98 23.17 -9.40
C LEU C 182 25.74 24.18 -10.26
N LEU C 183 27.07 24.02 -10.40
CA LEU C 183 27.82 24.84 -11.33
C LEU C 183 27.73 24.27 -12.75
N TRP C 184 27.71 22.94 -12.88
CA TRP C 184 27.56 22.32 -14.18
C TRP C 184 26.21 22.68 -14.82
N MET C 185 25.18 22.90 -14.01
CA MET C 185 23.93 23.46 -14.53
C MET C 185 24.20 24.68 -15.39
N ALA C 186 25.04 25.60 -14.91
CA ALA C 186 25.40 26.77 -15.70
C ALA C 186 26.31 26.39 -16.86
N CYS C 187 27.43 25.72 -16.56
CA CYS C 187 28.46 25.51 -17.56
C CYS C 187 27.99 24.61 -18.69
N GLY C 188 27.32 23.51 -18.36
CA GLY C 188 26.91 22.58 -19.40
C GLY C 188 25.88 23.18 -20.35
N VAL C 189 24.84 23.77 -19.80
CA VAL C 189 23.82 24.40 -20.64
C VAL C 189 24.44 25.46 -21.53
N GLY C 190 25.32 26.30 -20.96
CA GLY C 190 26.01 27.31 -21.75
C GLY C 190 26.85 26.76 -22.88
N GLY C 191 27.79 25.86 -22.57
CA GLY C 191 28.67 25.34 -23.60
C GLY C 191 27.92 24.58 -24.68
N THR C 192 26.96 23.73 -24.28
CA THR C 192 26.20 22.98 -25.26
C THR C 192 25.39 23.91 -26.16
N LEU C 193 24.76 24.93 -25.59
CA LEU C 193 24.05 25.90 -26.42
C LEU C 193 25.02 26.80 -27.16
N GLY C 194 26.26 26.89 -26.66
CA GLY C 194 27.31 27.56 -27.41
C GLY C 194 27.88 26.71 -28.53
N GLY C 195 27.66 25.40 -28.50
CA GLY C 195 28.15 24.49 -29.51
C GLY C 195 29.46 23.78 -29.25
N ALA C 196 29.75 23.41 -28.00
CA ALA C 196 31.04 22.82 -27.63
C ALA C 196 31.12 21.33 -27.94
N ASP C 197 32.32 20.87 -28.29
CA ASP C 197 32.60 19.46 -28.51
C ASP C 197 32.77 18.72 -27.18
N GLU C 198 32.85 17.39 -27.27
CA GLU C 198 32.78 16.51 -26.10
C GLU C 198 33.99 16.69 -25.18
N ALA C 199 35.19 16.88 -25.74
CA ALA C 199 36.35 17.16 -24.91
C ALA C 199 36.25 18.51 -24.20
N ALA C 200 35.68 19.52 -24.87
CA ALA C 200 35.45 20.80 -24.21
C ALA C 200 34.37 20.71 -23.13
N LEU C 201 33.39 19.81 -23.28
CA LEU C 201 32.34 19.66 -22.29
C LEU C 201 32.84 18.95 -21.03
N LYS C 202 33.65 17.91 -21.20
CA LYS C 202 34.25 17.27 -20.03
C LYS C 202 35.12 18.25 -19.27
N ALA C 203 35.81 19.14 -19.99
CA ALA C 203 36.65 20.14 -19.33
C ALA C 203 35.79 21.10 -18.52
N LEU C 204 34.65 21.51 -19.06
CA LEU C 204 33.74 22.29 -18.23
C LEU C 204 33.19 21.43 -17.10
N SER C 205 33.01 20.14 -17.34
CA SER C 205 32.47 19.25 -16.32
C SER C 205 33.44 19.11 -15.15
N GLN C 206 34.72 18.91 -15.46
CA GLN C 206 35.73 18.90 -14.40
C GLN C 206 35.88 20.27 -13.75
N TYR C 207 35.87 21.33 -14.56
CA TYR C 207 35.98 22.68 -14.01
C TYR C 207 34.83 23.02 -13.07
N SER C 208 33.60 22.62 -13.40
CA SER C 208 32.47 22.92 -12.53
C SER C 208 32.56 22.17 -11.20
N ASP C 209 32.86 20.88 -11.26
CA ASP C 209 32.91 20.07 -10.05
C ASP C 209 34.09 20.44 -9.16
N GLN C 210 35.22 20.79 -9.76
CA GLN C 210 36.41 21.12 -8.97
C GLN C 210 36.25 22.45 -8.25
N LEU C 211 35.57 23.40 -8.88
CA LEU C 211 35.26 24.68 -8.24
C LEU C 211 34.12 24.53 -7.25
N GLY C 212 33.12 23.71 -7.58
CA GLY C 212 32.05 23.45 -6.63
C GLY C 212 32.57 22.91 -5.31
N ILE C 213 33.50 21.96 -5.37
CA ILE C 213 34.16 21.47 -4.17
C ILE C 213 34.93 22.60 -3.49
N ALA C 214 35.71 23.35 -4.27
CA ALA C 214 36.57 24.38 -3.69
C ALA C 214 35.75 25.40 -2.90
N TYR C 215 34.73 26.02 -3.53
CA TYR C 215 33.96 27.03 -2.80
C TYR C 215 33.13 26.41 -1.69
N GLN C 216 32.74 25.14 -1.82
CA GLN C 216 32.01 24.52 -0.72
C GLN C 216 32.90 24.38 0.50
N ILE C 217 34.16 24.00 0.31
CA ILE C 217 35.09 23.98 1.43
C ILE C 217 35.27 25.39 1.98
N ARG C 218 35.45 26.37 1.10
CA ARG C 218 35.53 27.76 1.55
C ARG C 218 34.34 28.12 2.43
N ASP C 219 33.16 27.59 2.13
CA ASP C 219 32.04 27.77 3.04
C ASP C 219 32.21 26.89 4.29
N ASP C 220 32.74 25.67 4.14
CA ASP C 220 33.03 24.85 5.32
C ASP C 220 34.01 25.55 6.24
N LEU C 221 35.05 26.18 5.66
CA LEU C 221 36.09 26.81 6.48
C LEU C 221 35.54 27.94 7.33
N MET C 222 34.46 28.57 6.92
CA MET C 222 33.96 29.72 7.64
C MET C 222 33.60 29.29 9.06
N THR C 243 31.82 18.66 7.84
CA THR C 243 32.62 19.65 7.11
C THR C 243 34.03 19.13 6.91
N LEU C 244 34.68 19.53 5.83
CA LEU C 244 35.99 18.99 5.51
C LEU C 244 37.00 19.15 6.64
N PRO C 245 37.19 20.34 7.25
CA PRO C 245 38.13 20.43 8.37
C PRO C 245 37.82 19.46 9.50
N VAL C 246 36.53 19.25 9.80
CA VAL C 246 36.15 18.30 10.85
C VAL C 246 36.52 16.88 10.44
N LEU C 247 36.26 16.52 9.17
CA LEU C 247 36.66 15.20 8.71
C LEU C 247 38.17 15.05 8.71
N LEU C 248 38.90 16.07 8.25
CA LEU C 248 40.35 15.95 8.16
C LEU C 248 41.01 15.99 9.54
N ALA C 249 40.44 16.76 10.47
CA ALA C 249 40.91 16.66 11.86
C ALA C 249 40.68 15.27 12.40
N HIS C 250 39.51 14.69 12.10
CA HIS C 250 39.23 13.32 12.55
C HIS C 250 40.22 12.33 11.97
N GLU C 251 40.63 12.53 10.71
CA GLU C 251 41.58 11.63 10.07
C GLU C 251 42.90 11.59 10.83
N ARG C 252 43.37 12.76 11.29
CA ARG C 252 44.65 12.91 11.96
C ARG C 252 44.58 12.68 13.47
N ALA C 253 43.37 12.66 14.05
CA ALA C 253 43.21 12.51 15.49
C ALA C 253 43.39 11.05 15.91
N PRO C 254 43.95 10.80 17.10
CA PRO C 254 43.92 9.45 17.66
C PRO C 254 42.52 9.14 18.17
N ARG C 255 42.22 7.85 18.35
CA ARG C 255 40.84 7.47 18.65
C ARG C 255 40.33 8.09 19.95
N GLU C 256 41.22 8.35 20.92
CA GLU C 256 40.81 9.07 22.11
C GLU C 256 40.22 10.42 21.73
N GLN C 257 40.80 11.09 20.72
CA GLN C 257 40.25 12.34 20.21
C GLN C 257 39.32 12.13 19.01
N GLN C 258 39.42 11.00 18.32
CA GLN C 258 38.45 10.70 17.26
C GLN C 258 37.06 10.51 17.85
N LEU C 259 36.97 9.80 18.99
CA LEU C 259 35.68 9.57 19.63
C LEU C 259 35.04 10.89 20.06
N ARG C 260 35.83 11.79 20.66
CA ARG C 260 35.29 13.07 21.13
C ARG C 260 34.60 13.82 20.00
N ILE C 261 35.19 13.80 18.80
CA ILE C 261 34.59 14.44 17.64
C ILE C 261 33.27 13.75 17.28
N GLU C 262 33.24 12.42 17.37
CA GLU C 262 32.04 11.67 17.03
C GLU C 262 30.88 12.01 17.95
N ARG C 263 31.14 12.20 19.24
CA ARG C 263 30.04 12.48 20.16
C ARG C 263 29.44 13.86 19.94
N LEU C 264 30.19 14.78 19.32
CA LEU C 264 29.75 16.17 19.22
C LEU C 264 28.73 16.39 18.12
N LEU C 265 28.42 15.37 17.32
CA LEU C 265 27.36 15.47 16.32
C LEU C 265 26.05 14.94 16.89
N ALA C 266 26.05 13.68 17.34
CA ALA C 266 24.92 13.15 18.09
C ALA C 266 25.08 13.40 19.59
N GLU C 274 28.03 26.05 22.34
CA GLU C 274 28.86 25.31 23.27
C GLU C 274 29.63 24.15 22.63
N ARG C 275 28.93 23.31 21.85
CA ARG C 275 29.61 22.27 21.08
C ARG C 275 30.59 22.87 20.09
N TYR C 276 30.17 23.94 19.40
CA TYR C 276 31.04 24.64 18.47
C TYR C 276 32.40 24.94 19.10
N LYS C 277 32.42 25.38 20.36
CA LYS C 277 33.70 25.70 20.98
C LYS C 277 34.53 24.44 21.22
N ALA C 278 33.86 23.33 21.56
CA ALA C 278 34.58 22.07 21.68
C ALA C 278 35.10 21.60 20.33
N MET C 279 34.29 21.73 19.27
CA MET C 279 34.74 21.33 17.95
C MET C 279 35.87 22.24 17.47
N ALA C 280 35.66 23.56 17.55
CA ALA C 280 36.65 24.52 17.07
C ALA C 280 38.01 24.27 17.72
N ASP C 281 38.01 23.98 19.02
CA ASP C 281 39.26 23.68 19.70
C ASP C 281 39.93 22.46 19.11
N LEU C 282 39.13 21.48 18.67
CA LEU C 282 39.68 20.23 18.17
C LEU C 282 40.18 20.34 16.73
N VAL C 283 39.37 20.93 15.84
CA VAL C 283 39.81 21.16 14.47
C VAL C 283 41.18 21.85 14.46
N GLY C 284 41.35 22.87 15.32
CA GLY C 284 42.61 23.59 15.34
C GLY C 284 43.78 22.75 15.83
N ALA C 285 43.55 21.93 16.86
CA ALA C 285 44.63 21.15 17.48
C ALA C 285 45.17 20.06 16.57
N TYR C 286 44.49 19.79 15.45
CA TYR C 286 44.92 18.78 14.49
C TYR C 286 44.97 19.35 13.08
N ASP C 287 44.97 20.68 12.97
CA ASP C 287 45.26 21.37 11.72
C ASP C 287 44.23 21.07 10.65
N GLY C 288 43.01 20.71 11.06
CA GLY C 288 41.97 20.39 10.09
C GLY C 288 41.70 21.53 9.14
N ALA C 289 41.59 22.75 9.67
CA ALA C 289 41.28 23.92 8.85
C ALA C 289 42.40 24.22 7.87
N GLN C 290 43.65 24.09 8.32
CA GLN C 290 44.77 24.33 7.41
C GLN C 290 44.85 23.25 6.34
N ALA C 291 44.67 21.98 6.73
CA ALA C 291 44.62 20.91 5.73
C ALA C 291 43.46 21.11 4.75
N ALA C 292 42.34 21.65 5.22
CA ALA C 292 41.20 21.89 4.33
C ALA C 292 41.56 22.91 3.24
N ARG C 293 42.28 23.97 3.61
CA ARG C 293 42.62 25.03 2.65
C ARG C 293 43.48 24.47 1.52
N GLU C 294 44.41 23.56 1.84
CA GLU C 294 45.24 22.93 0.83
C GLU C 294 44.42 22.06 -0.10
N VAL C 295 43.38 21.41 0.42
CA VAL C 295 42.48 20.67 -0.47
C VAL C 295 41.78 21.62 -1.43
N SER C 296 41.36 22.79 -0.94
CA SER C 296 40.72 23.77 -1.83
C SER C 296 41.69 24.17 -2.95
N HIS C 297 42.97 24.35 -2.62
CA HIS C 297 43.92 24.78 -3.63
C HIS C 297 44.13 23.70 -4.67
N ARG C 298 44.16 22.42 -4.24
CA ARG C 298 44.32 21.35 -5.21
C ARG C 298 43.20 21.37 -6.23
N HIS C 299 41.96 21.49 -5.77
CA HIS C 299 40.84 21.43 -6.71
C HIS C 299 40.79 22.69 -7.57
N VAL C 300 41.14 23.85 -6.98
CA VAL C 300 41.26 25.08 -7.75
C VAL C 300 42.24 24.90 -8.91
N GLN C 301 43.39 24.27 -8.63
CA GLN C 301 44.34 23.97 -9.69
C GLN C 301 43.71 23.09 -10.77
N LEU C 302 43.06 22.01 -10.34
CA LEU C 302 42.35 21.16 -11.28
C LEU C 302 41.28 21.96 -12.02
N ALA C 303 40.67 22.93 -11.33
CA ALA C 303 39.72 23.82 -12.00
C ALA C 303 40.41 24.63 -13.10
N THR C 304 41.60 25.16 -12.80
CA THR C 304 42.31 25.99 -13.78
C THR C 304 42.94 25.12 -14.87
N ARG C 305 43.39 23.91 -14.51
CA ARG C 305 43.88 22.96 -15.50
C ARG C 305 42.84 22.73 -16.58
N ALA C 306 41.61 22.38 -16.16
CA ALA C 306 40.57 22.01 -17.13
C ALA C 306 40.22 23.14 -18.07
N LEU C 307 40.45 24.40 -17.66
CA LEU C 307 40.17 25.52 -18.55
C LEU C 307 41.11 25.55 -19.75
N GLN C 308 42.34 25.05 -19.59
CA GLN C 308 43.35 25.17 -20.64
C GLN C 308 42.94 24.51 -21.94
N THR C 309 42.06 23.51 -21.90
CA THR C 309 41.65 22.81 -23.10
C THR C 309 40.87 23.71 -24.07
N LEU C 310 40.22 24.76 -23.56
CA LEU C 310 39.49 25.67 -24.42
C LEU C 310 40.44 26.68 -25.08
N PRO C 311 40.02 27.30 -26.18
CA PRO C 311 40.91 28.23 -26.90
C PRO C 311 41.23 29.47 -26.07
N PRO C 312 42.24 30.24 -26.44
CA PRO C 312 42.51 31.49 -25.73
C PRO C 312 41.43 32.54 -26.02
N SER C 313 41.03 33.23 -24.97
CA SER C 313 39.98 34.23 -25.06
C SER C 313 39.85 34.92 -23.71
N PRO C 314 39.31 36.14 -23.67
CA PRO C 314 38.97 36.71 -22.37
C PRO C 314 37.89 35.91 -21.67
N HIS C 315 37.00 35.26 -22.44
CA HIS C 315 35.99 34.42 -21.80
C HIS C 315 36.62 33.31 -21.00
N ARG C 316 37.64 32.65 -21.57
CA ARG C 316 38.37 31.64 -20.79
C ARG C 316 39.14 32.28 -19.64
N ASP C 317 39.64 33.50 -19.83
CA ASP C 317 40.33 34.17 -18.74
C ASP C 317 39.34 34.55 -17.64
N ALA C 318 38.19 35.10 -18.02
CA ALA C 318 37.11 35.32 -17.04
C ALA C 318 36.86 34.07 -16.18
N LEU C 319 36.88 32.88 -16.78
CA LEU C 319 36.59 31.67 -16.00
C LEU C 319 37.66 31.37 -14.97
N GLU C 320 38.93 31.69 -15.28
CA GLU C 320 39.98 31.61 -14.27
C GLU C 320 39.77 32.62 -13.15
N ASP C 321 39.18 33.77 -13.48
CA ASP C 321 38.93 34.76 -12.44
C ASP C 321 38.00 34.22 -11.36
N LEU C 322 37.10 33.30 -11.69
CA LEU C 322 36.18 32.81 -10.68
C LEU C 322 36.87 31.93 -9.64
N THR C 323 38.05 31.39 -9.95
CA THR C 323 38.83 30.67 -8.94
C THR C 323 39.41 31.61 -7.92
N VAL C 324 39.61 32.88 -8.28
CA VAL C 324 40.15 33.86 -7.34
C VAL C 324 39.10 34.05 -6.25
N PRO C 325 39.42 33.73 -4.99
CA PRO C 325 38.39 33.67 -3.96
C PRO C 325 37.81 35.02 -3.60
N GLY C 326 38.48 36.10 -3.99
CA GLY C 326 37.85 37.40 -3.97
C GLY C 326 36.85 37.61 -5.07
N ARG C 327 36.64 36.60 -5.92
CA ARG C 327 35.68 36.74 -7.01
C ARG C 327 34.53 35.75 -6.85
N GLY D 40 -33.42 -39.03 -10.82
CA GLY D 40 -32.52 -40.01 -10.22
C GLY D 40 -31.53 -39.40 -9.25
N LEU D 41 -31.24 -38.10 -9.44
CA LEU D 41 -30.32 -37.38 -8.58
C LEU D 41 -30.97 -36.14 -7.97
N VAL D 42 -32.26 -35.94 -8.18
CA VAL D 42 -33.00 -34.83 -7.58
C VAL D 42 -33.46 -35.21 -6.17
N PRO D 43 -34.17 -36.34 -5.95
CA PRO D 43 -34.44 -36.73 -4.57
C PRO D 43 -33.25 -37.45 -3.94
N PHE D 44 -32.08 -37.25 -4.51
CA PHE D 44 -30.82 -37.76 -3.96
C PHE D 44 -30.04 -36.66 -3.28
N GLY D 45 -29.66 -35.61 -4.00
CA GLY D 45 -29.02 -34.47 -3.37
C GLY D 45 -27.73 -34.92 -2.69
N LYS D 46 -27.17 -34.01 -1.90
CA LYS D 46 -25.92 -34.31 -1.18
C LYS D 46 -26.18 -34.42 0.32
N MET D 48 -22.69 -31.57 0.65
CA MET D 48 -21.82 -30.43 0.91
C MET D 48 -21.25 -29.71 -0.34
N GLY D 49 -20.58 -28.61 -0.03
CA GLY D 49 -19.98 -27.67 -0.96
C GLY D 49 -18.99 -28.22 -1.95
N PRO D 50 -18.13 -29.18 -1.59
CA PRO D 50 -17.13 -29.62 -2.57
C PRO D 50 -17.71 -30.13 -3.87
N TRP D 51 -18.77 -30.94 -3.82
CA TRP D 51 -19.46 -31.33 -5.04
C TRP D 51 -19.97 -30.10 -5.77
N LEU D 52 -20.34 -29.06 -5.03
CA LEU D 52 -20.75 -27.80 -5.65
C LEU D 52 -19.56 -27.08 -6.27
N LEU D 53 -18.40 -27.10 -5.59
CA LEU D 53 -17.22 -26.46 -6.17
C LEU D 53 -16.76 -27.19 -7.42
N ILE D 54 -16.83 -28.53 -7.41
CA ILE D 54 -16.34 -29.28 -8.56
C ILE D 54 -17.26 -29.10 -9.76
N ARG D 55 -18.57 -29.13 -9.53
CA ARG D 55 -19.50 -28.91 -10.63
C ARG D 55 -19.40 -27.48 -11.17
N SER D 56 -19.23 -26.51 -10.27
CA SER D 56 -19.11 -25.11 -10.71
C SER D 56 -17.85 -24.89 -11.55
N ALA D 57 -16.73 -25.49 -11.15
CA ALA D 57 -15.52 -25.33 -11.92
C ALA D 57 -15.69 -25.88 -13.34
N LEU D 58 -16.41 -27.00 -13.46
CA LEU D 58 -16.61 -27.64 -14.77
C LEU D 58 -17.69 -26.95 -15.58
N ALA D 59 -18.72 -26.40 -14.92
CA ALA D 59 -19.78 -25.73 -15.65
C ALA D 59 -19.27 -24.49 -16.39
N VAL D 60 -18.15 -23.91 -15.95
CA VAL D 60 -17.53 -22.79 -16.66
C VAL D 60 -16.31 -23.24 -17.47
N GLY D 61 -16.08 -24.54 -17.57
CA GLY D 61 -14.98 -25.03 -18.39
C GLY D 61 -13.66 -25.22 -17.69
N GLY D 62 -13.65 -25.42 -16.37
CA GLY D 62 -12.40 -25.64 -15.67
C GLY D 62 -11.91 -27.08 -15.74
N ASP D 63 -10.77 -27.32 -15.11
CA ASP D 63 -10.13 -28.62 -15.13
C ASP D 63 -10.30 -29.28 -13.77
N ILE D 64 -10.41 -30.60 -13.79
CA ILE D 64 -10.68 -31.36 -12.59
C ILE D 64 -9.45 -31.50 -11.70
N ALA D 65 -8.24 -31.53 -12.27
CA ALA D 65 -7.04 -31.72 -11.46
C ALA D 65 -6.81 -30.58 -10.48
N THR D 66 -7.35 -29.40 -10.76
CA THR D 66 -7.27 -28.25 -9.87
C THR D 66 -8.50 -28.10 -9.00
N ALA D 67 -9.69 -28.32 -9.55
CA ALA D 67 -10.92 -28.21 -8.78
C ALA D 67 -10.97 -29.21 -7.64
N LEU D 68 -10.29 -30.35 -7.80
CA LEU D 68 -10.40 -31.41 -6.79
C LEU D 68 -9.73 -31.04 -5.48
N PRO D 69 -8.46 -30.60 -5.43
CA PRO D 69 -7.90 -30.16 -4.15
C PRO D 69 -8.54 -28.88 -3.62
N ALA D 70 -8.97 -27.97 -4.49
CA ALA D 70 -9.73 -26.82 -4.03
C ALA D 70 -11.00 -27.23 -3.29
N ALA D 71 -11.56 -28.40 -3.64
CA ALA D 71 -12.76 -28.88 -2.97
C ALA D 71 -12.45 -29.43 -1.59
N VAL D 72 -11.36 -30.17 -1.46
CA VAL D 72 -10.88 -30.63 -0.15
C VAL D 72 -10.63 -29.43 0.77
N ALA D 73 -9.93 -28.42 0.26
CA ALA D 73 -9.63 -27.21 1.03
C ALA D 73 -10.91 -26.61 1.61
N LEU D 74 -12.01 -26.73 0.89
CA LEU D 74 -13.27 -26.22 1.39
C LEU D 74 -13.70 -27.01 2.62
N GLU D 75 -13.42 -28.31 2.65
CA GLU D 75 -13.82 -29.15 3.78
C GLU D 75 -13.14 -28.70 5.07
N CYS D 76 -11.89 -28.25 4.99
CA CYS D 76 -11.23 -27.70 6.16
C CYS D 76 -11.94 -26.43 6.63
N VAL D 77 -12.25 -25.52 5.72
CA VAL D 77 -12.92 -24.29 6.13
C VAL D 77 -14.32 -24.60 6.64
N GLN D 78 -15.06 -25.46 5.97
CA GLN D 78 -16.46 -25.69 6.36
C GLN D 78 -16.56 -26.53 7.64
N VAL D 79 -15.69 -27.52 7.82
CA VAL D 79 -15.75 -28.28 9.06
C VAL D 79 -15.36 -27.40 10.24
N GLY D 80 -14.42 -26.48 10.02
CA GLY D 80 -14.04 -25.55 11.07
C GLY D 80 -15.20 -24.65 11.46
N ALA D 81 -15.88 -24.10 10.46
CA ALA D 81 -17.08 -23.32 10.73
C ALA D 81 -18.07 -24.13 11.55
N MET D 82 -18.29 -25.38 11.13
CA MET D 82 -19.22 -26.26 11.83
C MET D 82 -18.79 -26.49 13.27
N MET D 83 -17.50 -26.62 13.52
CA MET D 83 -17.04 -26.85 14.88
C MET D 83 -17.34 -25.65 15.78
N HIS D 84 -17.23 -24.44 15.23
CA HIS D 84 -17.54 -23.24 15.99
C HIS D 84 -19.04 -23.00 16.13
N ASP D 85 -19.82 -23.31 15.09
CA ASP D 85 -21.26 -23.02 15.16
C ASP D 85 -21.98 -23.92 16.16
N ASP D 86 -21.49 -25.14 16.36
CA ASP D 86 -22.17 -26.01 17.29
C ASP D 86 -22.10 -25.45 18.69
N ILE D 87 -21.00 -24.75 19.00
CA ILE D 87 -20.88 -24.04 20.28
C ILE D 87 -21.91 -22.93 20.38
N ILE D 88 -21.93 -22.06 19.38
CA ILE D 88 -22.78 -20.87 19.28
C ILE D 88 -24.23 -21.27 19.44
N ASP D 89 -24.51 -22.57 19.34
CA ASP D 89 -25.86 -23.08 19.46
C ASP D 89 -26.13 -23.82 20.74
N CYS D 90 -25.13 -24.51 21.28
CA CYS D 90 -25.22 -25.14 22.58
C CYS D 90 -25.72 -24.19 23.65
N GLU D 106 -13.30 -28.12 25.00
CA GLU D 106 -13.52 -26.75 24.55
C GLU D 106 -12.24 -26.16 23.90
N PRO D 107 -11.08 -26.24 24.55
CA PRO D 107 -9.83 -25.81 23.88
C PRO D 107 -9.66 -26.42 22.50
N THR D 108 -10.02 -27.70 22.34
CA THR D 108 -9.83 -28.35 21.04
C THR D 108 -10.80 -27.82 20.00
N ALA D 109 -12.07 -27.61 20.36
CA ALA D 109 -13.08 -27.19 19.39
C ALA D 109 -12.91 -25.75 18.91
N ILE D 110 -12.39 -24.85 19.73
CA ILE D 110 -12.16 -23.47 19.28
C ILE D 110 -10.91 -23.39 18.44
N VAL D 111 -9.79 -23.83 19.01
CA VAL D 111 -8.51 -23.80 18.31
C VAL D 111 -8.51 -24.78 17.16
N GLY D 112 -9.18 -25.93 17.32
CA GLY D 112 -9.26 -26.89 16.22
C GLY D 112 -10.07 -26.35 15.06
N GLY D 113 -11.17 -25.65 15.34
CA GLY D 113 -11.84 -24.92 14.28
C GLY D 113 -10.93 -23.88 13.65
N ASP D 114 -10.12 -23.21 14.47
CA ASP D 114 -9.13 -22.27 13.96
C ASP D 114 -8.13 -22.95 13.05
N GLY D 115 -7.59 -24.09 13.48
CA GLY D 115 -6.64 -24.83 12.67
C GLY D 115 -7.16 -25.18 11.29
N LEU D 116 -8.44 -25.51 11.19
CA LEU D 116 -8.99 -25.90 9.89
C LEU D 116 -9.07 -24.74 8.91
N PHE D 117 -9.26 -23.51 9.39
CA PHE D 117 -9.18 -22.36 8.47
C PHE D 117 -7.78 -22.25 7.87
N PHE D 118 -6.75 -22.37 8.71
CA PHE D 118 -5.37 -22.27 8.22
C PHE D 118 -5.01 -23.46 7.35
N HIS D 119 -5.47 -24.66 7.72
CA HIS D 119 -5.34 -25.81 6.83
C HIS D 119 -6.03 -25.54 5.49
N GLY D 120 -7.22 -24.96 5.54
CA GLY D 120 -7.95 -24.67 4.32
C GLY D 120 -7.22 -23.70 3.41
N PHE D 121 -6.71 -22.59 3.97
CA PHE D 121 -6.01 -21.63 3.12
C PHE D 121 -4.66 -22.17 2.65
N ALA D 122 -3.96 -22.94 3.50
CA ALA D 122 -2.73 -23.63 3.08
C ALA D 122 -2.99 -24.58 1.91
N ALA D 123 -4.04 -25.39 2.01
CA ALA D 123 -4.35 -26.33 0.94
C ALA D 123 -4.74 -25.60 -0.35
N LEU D 124 -5.54 -24.54 -0.23
CA LEU D 124 -5.95 -23.80 -1.42
C LEU D 124 -4.74 -23.23 -2.14
N SER D 125 -3.73 -22.78 -1.38
CA SER D 125 -2.53 -22.24 -2.02
C SER D 125 -1.72 -23.35 -2.71
N GLU D 126 -1.66 -24.55 -2.12
CA GLU D 126 -0.84 -25.59 -2.71
C GLU D 126 -1.44 -26.14 -4.00
N CYS D 127 -2.67 -25.77 -4.33
CA CYS D 127 -3.26 -26.10 -5.62
C CYS D 127 -2.47 -25.52 -6.79
N ARG D 128 -1.59 -24.54 -6.54
CA ARG D 128 -0.70 -24.08 -7.61
C ARG D 128 0.23 -25.20 -8.06
N GLU D 129 0.67 -26.04 -7.13
CA GLU D 129 1.45 -27.21 -7.49
C GLU D 129 0.69 -28.19 -8.39
N ALA D 130 -0.64 -28.16 -8.38
CA ALA D 130 -1.40 -29.09 -9.21
C ALA D 130 -1.72 -28.56 -10.61
N GLY D 131 -1.34 -27.33 -10.93
CA GLY D 131 -1.53 -26.81 -12.29
C GLY D 131 -2.37 -25.55 -12.38
N ALA D 132 -2.87 -24.98 -11.29
CA ALA D 132 -3.68 -23.78 -11.43
C ALA D 132 -2.78 -22.56 -11.66
N PRO D 133 -3.18 -21.64 -12.53
CA PRO D 133 -2.41 -20.40 -12.68
C PRO D 133 -2.52 -19.54 -11.43
N ALA D 134 -1.37 -19.12 -10.91
CA ALA D 134 -1.33 -18.39 -9.65
C ALA D 134 -2.31 -17.23 -9.65
N GLU D 135 -2.59 -16.64 -10.81
CA GLU D 135 -3.56 -15.54 -10.87
C GLU D 135 -4.93 -15.97 -10.37
N ARG D 136 -5.39 -17.15 -10.79
CA ARG D 136 -6.67 -17.68 -10.27
C ARG D 136 -6.54 -18.08 -8.80
N VAL D 137 -5.41 -18.66 -8.42
CA VAL D 137 -5.21 -19.05 -7.01
C VAL D 137 -5.24 -17.81 -6.12
N ALA D 138 -4.61 -16.72 -6.56
CA ALA D 138 -4.62 -15.50 -5.75
C ALA D 138 -6.03 -14.95 -5.60
N GLN D 139 -6.82 -14.96 -6.68
CA GLN D 139 -8.19 -14.49 -6.59
C GLN D 139 -9.08 -15.43 -5.75
N ALA D 140 -8.79 -16.73 -5.75
CA ALA D 140 -9.54 -17.64 -4.89
C ALA D 140 -9.40 -17.26 -3.42
N PHE D 141 -8.26 -16.70 -3.01
CA PHE D 141 -8.13 -16.14 -1.67
C PHE D 141 -9.13 -15.01 -1.43
N THR D 142 -9.26 -14.10 -2.42
CA THR D 142 -10.17 -12.97 -2.28
C THR D 142 -11.62 -13.43 -2.12
N VAL D 143 -12.04 -14.38 -2.95
CA VAL D 143 -13.42 -14.86 -2.89
C VAL D 143 -13.68 -15.59 -1.59
N LEU D 144 -12.79 -16.51 -1.22
CA LEU D 144 -12.95 -17.26 0.01
C LEU D 144 -12.98 -16.33 1.23
N SER D 145 -12.04 -15.38 1.28
CA SER D 145 -11.98 -14.46 2.41
C SER D 145 -13.21 -13.57 2.47
N ARG D 146 -13.63 -13.04 1.32
CA ARG D 146 -14.75 -12.10 1.29
C ARG D 146 -16.04 -12.75 1.75
N ALA D 147 -16.25 -14.01 1.36
CA ALA D 147 -17.46 -14.72 1.74
C ALA D 147 -17.50 -15.02 3.23
N GLY D 148 -16.37 -15.46 3.80
CA GLY D 148 -16.29 -15.69 5.23
C GLY D 148 -16.71 -14.49 6.03
N LEU D 149 -16.28 -13.29 5.59
CA LEU D 149 -16.71 -12.05 6.23
C LEU D 149 -18.22 -11.89 6.17
N ARG D 150 -18.85 -12.38 5.09
CA ARG D 150 -20.30 -12.42 5.03
C ARG D 150 -20.88 -13.37 6.07
N ILE D 151 -20.32 -14.58 6.14
CA ILE D 151 -20.85 -15.61 7.03
C ILE D 151 -20.66 -15.23 8.49
N GLY D 152 -19.54 -14.57 8.81
CA GLY D 152 -19.37 -14.07 10.16
C GLY D 152 -20.39 -13.00 10.51
N SER D 153 -20.64 -12.08 9.57
CA SER D 153 -21.63 -11.04 9.80
C SER D 153 -23.04 -11.61 9.91
N ALA D 154 -23.32 -12.73 9.25
CA ALA D 154 -24.65 -13.31 9.32
C ALA D 154 -24.85 -13.99 10.67
N ALA D 155 -23.84 -14.71 11.13
CA ALA D 155 -23.91 -15.32 12.44
C ALA D 155 -24.08 -14.27 13.52
N LEU D 156 -23.47 -13.09 13.34
CA LEU D 156 -23.60 -12.04 14.34
C LEU D 156 -25.02 -11.46 14.36
N ARG D 157 -25.59 -11.18 13.19
CA ARG D 157 -26.99 -10.72 13.17
C ARG D 157 -27.93 -11.79 13.74
N GLU D 158 -27.70 -13.05 13.40
CA GLU D 158 -28.54 -14.12 13.93
C GLU D 158 -28.54 -14.11 15.46
N ILE D 159 -27.37 -13.96 16.06
CA ILE D 159 -27.28 -13.85 17.51
C ILE D 159 -28.13 -12.70 18.02
N ARG D 160 -28.16 -11.60 17.27
CA ARG D 160 -28.92 -10.40 17.60
C ARG D 160 -30.39 -10.45 17.14
N MET D 161 -30.84 -11.55 16.52
CA MET D 161 -32.25 -11.64 16.11
C MET D 161 -33.12 -12.42 17.08
N SER D 162 -32.55 -13.33 17.87
CA SER D 162 -33.33 -14.23 18.70
C SER D 162 -33.94 -13.50 19.88
N ARG D 163 -35.07 -14.05 20.36
CA ARG D 163 -35.93 -13.55 21.44
C ARG D 163 -36.80 -12.38 20.98
N GLU D 164 -36.90 -12.14 19.67
CA GLU D 164 -37.72 -11.06 19.15
C GLU D 164 -38.12 -11.38 17.74
N ILE D 165 -39.30 -10.91 17.37
CA ILE D 165 -39.78 -11.02 16.00
C ILE D 165 -39.12 -9.96 15.15
N CYS D 166 -38.74 -10.32 13.93
CA CYS D 166 -38.08 -9.39 13.04
C CYS D 166 -38.83 -9.39 11.71
N SER D 167 -38.52 -8.42 10.85
CA SER D 167 -39.24 -8.30 9.59
C SER D 167 -38.88 -9.47 8.69
N VAL D 168 -39.79 -9.80 7.77
CA VAL D 168 -39.55 -10.93 6.88
C VAL D 168 -38.28 -10.71 6.08
N GLN D 169 -38.19 -9.56 5.42
CA GLN D 169 -37.02 -9.27 4.59
C GLN D 169 -35.73 -9.17 5.41
N ASP D 170 -35.81 -8.81 6.69
CA ASP D 170 -34.61 -8.90 7.53
C ASP D 170 -34.12 -10.35 7.60
N TYR D 171 -35.06 -11.28 7.81
CA TYR D 171 -34.68 -12.69 8.00
C TYR D 171 -34.03 -13.26 6.75
N LEU D 172 -34.62 -12.98 5.59
CA LEU D 172 -34.16 -13.57 4.34
C LEU D 172 -32.73 -13.15 4.01
N ASP D 173 -32.38 -11.90 4.31
CA ASP D 173 -31.03 -11.43 4.02
C ASP D 173 -30.00 -12.12 4.93
N MET D 174 -30.36 -12.39 6.17
CA MET D 174 -29.47 -13.15 7.07
C MET D 174 -29.21 -14.55 6.53
N ILE D 175 -30.26 -15.29 6.17
CA ILE D 175 -30.04 -16.66 5.74
C ILE D 175 -29.35 -16.71 4.39
N ALA D 176 -29.39 -15.64 3.61
CA ALA D 176 -28.62 -15.59 2.39
C ALA D 176 -27.12 -15.57 2.65
N ASP D 177 -26.68 -14.91 3.73
CA ASP D 177 -25.26 -14.87 4.10
C ASP D 177 -24.81 -16.03 4.96
N LYS D 178 -25.73 -16.65 5.72
CA LYS D 178 -25.35 -17.86 6.42
C LYS D 178 -25.22 -18.99 5.42
N SER D 179 -26.35 -19.44 4.88
CA SER D 179 -26.39 -20.65 4.07
C SER D 179 -25.90 -20.40 2.65
N GLY D 180 -26.27 -19.26 2.05
CA GLY D 180 -25.89 -18.98 0.68
C GLY D 180 -24.41 -18.69 0.52
N ALA D 181 -23.84 -17.93 1.45
CA ALA D 181 -22.40 -17.69 1.40
C ALA D 181 -21.61 -18.96 1.70
N LEU D 182 -22.19 -19.93 2.37
CA LEU D 182 -21.52 -21.23 2.48
C LEU D 182 -21.46 -21.92 1.12
N LEU D 183 -22.42 -21.62 0.25
CA LEU D 183 -22.47 -22.14 -1.11
C LEU D 183 -21.64 -21.30 -2.09
N TRP D 184 -21.64 -19.97 -1.94
CA TRP D 184 -20.82 -19.14 -2.82
C TRP D 184 -19.34 -19.44 -2.65
N MET D 185 -18.93 -19.77 -1.42
CA MET D 185 -17.58 -20.25 -1.17
C MET D 185 -17.22 -21.35 -2.15
N ALA D 186 -18.08 -22.36 -2.25
CA ALA D 186 -17.83 -23.46 -3.18
C ALA D 186 -18.00 -22.99 -4.62
N CYS D 187 -19.11 -22.31 -4.92
CA CYS D 187 -19.41 -21.95 -6.29
C CYS D 187 -18.43 -20.88 -6.80
N GLY D 188 -18.17 -19.86 -6.00
CA GLY D 188 -17.32 -18.76 -6.43
C GLY D 188 -15.88 -19.17 -6.64
N VAL D 189 -15.31 -19.91 -5.68
CA VAL D 189 -13.94 -20.39 -5.82
C VAL D 189 -13.82 -21.33 -7.01
N GLY D 190 -14.75 -22.29 -7.13
CA GLY D 190 -14.75 -23.18 -8.27
C GLY D 190 -14.85 -22.43 -9.60
N GLY D 191 -15.82 -21.53 -9.70
CA GLY D 191 -15.93 -20.72 -10.90
C GLY D 191 -14.70 -19.87 -11.14
N THR D 192 -14.13 -19.30 -10.07
CA THR D 192 -12.91 -18.52 -10.22
C THR D 192 -11.76 -19.38 -10.75
N LEU D 193 -11.59 -20.59 -10.19
CA LEU D 193 -10.48 -21.42 -10.60
C LEU D 193 -10.65 -22.06 -11.97
N GLY D 194 -11.88 -22.20 -12.47
CA GLY D 194 -12.04 -22.60 -13.86
C GLY D 194 -11.93 -21.45 -14.83
N GLY D 195 -12.17 -20.24 -14.36
CA GLY D 195 -12.22 -19.06 -15.21
C GLY D 195 -13.66 -18.78 -15.60
N ALA D 196 -14.15 -17.58 -15.32
CA ALA D 196 -15.53 -17.24 -15.61
C ALA D 196 -15.69 -15.73 -15.61
N ASP D 197 -16.55 -15.21 -16.48
CA ASP D 197 -16.82 -13.79 -16.49
C ASP D 197 -17.77 -13.41 -15.36
N GLU D 198 -17.96 -12.11 -15.16
CA GLU D 198 -18.73 -11.68 -13.99
C GLU D 198 -20.18 -12.12 -14.08
N ALA D 199 -20.76 -12.18 -15.30
CA ALA D 199 -22.10 -12.75 -15.41
C ALA D 199 -22.10 -14.24 -15.05
N ALA D 200 -21.05 -14.97 -15.42
CA ALA D 200 -20.94 -16.35 -14.94
C ALA D 200 -20.73 -16.39 -13.43
N LEU D 201 -20.06 -15.37 -12.88
CA LEU D 201 -19.89 -15.28 -11.44
C LEU D 201 -21.17 -14.82 -10.75
N LYS D 202 -21.84 -13.83 -11.35
CA LYS D 202 -23.12 -13.35 -10.83
C LYS D 202 -24.15 -14.47 -10.80
N ALA D 203 -24.16 -15.33 -11.82
CA ALA D 203 -25.11 -16.43 -11.87
C ALA D 203 -24.88 -17.44 -10.74
N LEU D 204 -23.61 -17.80 -10.50
CA LEU D 204 -23.28 -18.71 -9.39
C LEU D 204 -23.59 -18.10 -8.04
N SER D 205 -23.39 -16.79 -7.88
CA SER D 205 -23.63 -16.14 -6.60
C SER D 205 -25.13 -15.99 -6.32
N GLN D 206 -25.90 -15.57 -7.33
CA GLN D 206 -27.35 -15.52 -7.19
C GLN D 206 -27.91 -16.91 -6.95
N TYR D 207 -27.43 -17.89 -7.70
CA TYR D 207 -27.86 -19.27 -7.47
C TYR D 207 -27.49 -19.73 -6.06
N SER D 208 -26.32 -19.29 -5.57
CA SER D 208 -25.90 -19.64 -4.21
C SER D 208 -26.86 -19.03 -3.19
N ASP D 209 -27.24 -17.77 -3.38
CA ASP D 209 -28.12 -17.11 -2.43
C ASP D 209 -29.50 -17.78 -2.41
N GLN D 210 -30.03 -18.08 -3.60
CA GLN D 210 -31.38 -18.64 -3.70
C GLN D 210 -31.43 -20.10 -3.25
N LEU D 211 -30.36 -20.86 -3.48
CA LEU D 211 -30.33 -22.25 -3.01
C LEU D 211 -30.14 -22.32 -1.51
N GLY D 212 -29.27 -21.48 -0.94
CA GLY D 212 -29.11 -21.46 0.50
C GLY D 212 -30.40 -21.09 1.21
N ILE D 213 -31.10 -20.06 0.70
CA ILE D 213 -32.38 -19.64 1.27
C ILE D 213 -33.38 -20.78 1.25
N ALA D 214 -33.50 -21.47 0.13
CA ALA D 214 -34.48 -22.54 0.00
C ALA D 214 -34.27 -23.62 1.05
N TYR D 215 -33.04 -24.12 1.16
CA TYR D 215 -32.76 -25.21 2.10
C TYR D 215 -32.88 -24.77 3.54
N GLN D 216 -32.61 -23.51 3.85
CA GLN D 216 -32.76 -23.05 5.23
C GLN D 216 -34.22 -23.03 5.66
N ILE D 217 -35.11 -22.57 4.77
CA ILE D 217 -36.54 -22.56 5.10
C ILE D 217 -37.04 -24.00 5.25
N ARG D 218 -36.61 -24.89 4.38
CA ARG D 218 -36.85 -26.32 4.54
C ARG D 218 -36.35 -26.84 5.89
N ASP D 219 -35.25 -26.28 6.40
CA ASP D 219 -34.80 -26.63 7.74
C ASP D 219 -35.73 -26.05 8.81
N ASP D 220 -36.21 -24.83 8.59
CA ASP D 220 -37.17 -24.23 9.51
C ASP D 220 -38.44 -25.08 9.62
N LEU D 221 -38.91 -25.61 8.50
CA LEU D 221 -40.20 -26.30 8.47
C LEU D 221 -40.21 -27.49 9.41
N MET D 222 -39.03 -28.09 9.65
CA MET D 222 -38.98 -29.38 10.33
C MET D 222 -39.68 -29.36 11.69
N ALA D 223 -39.89 -28.19 12.27
CA ALA D 223 -40.70 -28.10 13.48
C ALA D 223 -42.12 -28.54 13.19
N TYR D 224 -42.66 -28.12 12.06
CA TYR D 224 -43.97 -28.58 11.58
C TYR D 224 -43.93 -30.04 11.11
N GLY D 240 -34.17 -18.08 21.08
CA GLY D 240 -35.47 -18.04 20.43
C GLY D 240 -35.37 -17.46 19.04
N ARG D 241 -34.69 -18.17 18.14
CA ARG D 241 -34.43 -17.64 16.82
C ARG D 241 -35.72 -17.57 16.01
N PRO D 242 -36.03 -16.43 15.38
CA PRO D 242 -37.20 -16.33 14.51
C PRO D 242 -37.08 -17.19 13.26
N THR D 243 -37.75 -18.35 13.24
CA THR D 243 -37.82 -19.14 12.02
C THR D 243 -39.03 -18.69 11.21
N LEU D 244 -38.91 -18.82 9.89
CA LEU D 244 -39.90 -18.25 8.95
C LEU D 244 -41.34 -18.63 9.27
N PRO D 245 -41.69 -19.90 9.53
CA PRO D 245 -43.09 -20.20 9.92
C PRO D 245 -43.56 -19.39 11.11
N VAL D 246 -42.67 -19.17 12.08
CA VAL D 246 -43.00 -18.36 13.24
C VAL D 246 -43.27 -16.92 12.83
N LEU D 247 -42.48 -16.39 11.91
CA LEU D 247 -42.66 -15.01 11.46
C LEU D 247 -43.96 -14.82 10.66
N LEU D 248 -44.27 -15.77 9.77
CA LEU D 248 -45.41 -15.60 8.89
C LEU D 248 -46.73 -15.87 9.62
N ALA D 249 -46.73 -16.82 10.55
CA ALA D 249 -47.88 -16.97 11.43
C ALA D 249 -48.10 -15.69 12.22
N HIS D 250 -47.00 -15.05 12.64
CA HIS D 250 -47.08 -13.77 13.34
C HIS D 250 -47.75 -12.71 12.47
N GLU D 251 -47.46 -12.70 11.15
CA GLU D 251 -48.07 -11.70 10.28
C GLU D 251 -49.59 -11.83 10.29
N ARG D 252 -50.09 -13.06 10.23
CA ARG D 252 -51.52 -13.28 10.07
C ARG D 252 -52.28 -13.24 11.38
N ALA D 253 -51.59 -13.29 12.51
CA ALA D 253 -52.26 -13.33 13.80
C ALA D 253 -52.80 -11.95 14.17
N PRO D 254 -53.92 -11.89 14.87
CA PRO D 254 -54.36 -10.62 15.45
C PRO D 254 -53.47 -10.24 16.62
N ARG D 255 -53.52 -8.95 16.99
CA ARG D 255 -52.58 -8.43 17.98
C ARG D 255 -52.68 -9.18 19.30
N GLU D 256 -53.87 -9.66 19.65
CA GLU D 256 -54.03 -10.52 20.81
C GLU D 256 -53.18 -11.78 20.70
N GLN D 257 -53.10 -12.36 19.50
CA GLN D 257 -52.27 -13.53 19.28
C GLN D 257 -50.87 -13.21 18.75
N GLN D 258 -50.67 -12.04 18.15
CA GLN D 258 -49.31 -11.63 17.79
C GLN D 258 -48.46 -11.41 19.04
N LEU D 259 -49.05 -10.79 20.07
CA LEU D 259 -48.33 -10.61 21.32
C LEU D 259 -47.95 -11.94 21.93
N ARG D 260 -48.87 -12.90 21.95
CA ARG D 260 -48.59 -14.22 22.49
C ARG D 260 -47.36 -14.81 21.82
N ILE D 261 -47.22 -14.60 20.52
CA ILE D 261 -46.05 -15.09 19.80
C ILE D 261 -44.79 -14.40 20.30
N GLU D 262 -44.87 -13.09 20.56
CA GLU D 262 -43.70 -12.34 20.97
C GLU D 262 -43.10 -12.89 22.25
N ARG D 263 -43.97 -13.27 23.20
CA ARG D 263 -43.54 -13.76 24.51
C ARG D 263 -42.94 -15.16 24.47
N LEU D 264 -43.19 -15.92 23.41
CA LEU D 264 -42.77 -17.32 23.36
C LEU D 264 -41.30 -17.49 23.00
N LEU D 265 -40.63 -16.39 22.64
CA LEU D 265 -39.20 -16.36 22.38
C LEU D 265 -38.44 -15.91 23.62
N ALA D 266 -38.77 -14.73 24.13
CA ALA D 266 -38.28 -14.25 25.41
C ALA D 266 -39.17 -14.75 26.55
N ALA D 272 -39.04 -25.23 27.95
CA ALA D 272 -38.61 -25.94 26.75
C ALA D 272 -39.80 -26.50 25.98
N ALA D 273 -40.18 -27.74 26.31
CA ALA D 273 -41.28 -28.40 25.61
C ALA D 273 -42.54 -27.57 25.66
N GLU D 274 -42.87 -27.06 26.84
CA GLU D 274 -44.02 -26.15 26.98
C GLU D 274 -43.95 -25.02 25.95
N ARG D 275 -42.77 -24.43 25.79
CA ARG D 275 -42.57 -23.40 24.78
C ARG D 275 -42.80 -23.93 23.38
N TYR D 276 -42.14 -25.05 23.04
CA TYR D 276 -42.24 -25.57 21.68
C TYR D 276 -43.68 -25.93 21.33
N LYS D 277 -44.37 -26.61 22.25
CA LYS D 277 -45.75 -27.02 22.02
C LYS D 277 -46.70 -25.85 22.01
N ALA D 278 -46.43 -24.81 22.81
CA ALA D 278 -47.21 -23.59 22.68
C ALA D 278 -46.91 -22.91 21.35
N MET D 279 -45.64 -22.93 20.93
CA MET D 279 -45.30 -22.31 19.66
C MET D 279 -45.94 -23.07 18.49
N ALA D 280 -45.77 -24.39 18.45
CA ALA D 280 -46.27 -25.20 17.33
C ALA D 280 -47.76 -24.96 17.06
N ASP D 281 -48.59 -25.01 18.12
CA ASP D 281 -50.04 -24.77 17.95
C ASP D 281 -50.32 -23.36 17.44
N LEU D 282 -49.46 -22.41 17.74
CA LEU D 282 -49.69 -21.06 17.24
C LEU D 282 -49.40 -20.98 15.74
N VAL D 283 -48.24 -21.50 15.33
CA VAL D 283 -47.90 -21.62 13.91
C VAL D 283 -49.03 -22.29 13.15
N GLY D 284 -49.55 -23.39 13.71
CA GLY D 284 -50.62 -24.13 13.03
C GLY D 284 -51.92 -23.36 12.94
N ALA D 285 -52.28 -22.62 13.99
CA ALA D 285 -53.54 -21.89 13.90
C ALA D 285 -53.46 -20.74 12.91
N TYR D 286 -52.26 -20.41 12.42
CA TYR D 286 -52.12 -19.29 11.51
C TYR D 286 -51.33 -19.67 10.26
N ASP D 287 -51.22 -20.98 9.98
CA ASP D 287 -50.79 -21.49 8.69
C ASP D 287 -49.37 -21.09 8.33
N GLY D 288 -48.55 -20.80 9.36
CA GLY D 288 -47.19 -20.34 9.10
C GLY D 288 -46.41 -21.32 8.24
N ALA D 289 -46.48 -22.61 8.57
CA ALA D 289 -45.65 -23.62 7.90
C ALA D 289 -45.98 -23.74 6.42
N GLN D 290 -47.27 -23.70 6.08
CA GLN D 290 -47.66 -23.74 4.68
C GLN D 290 -47.18 -22.51 3.93
N ALA D 291 -47.31 -21.32 4.54
CA ALA D 291 -46.82 -20.09 3.92
C ALA D 291 -45.31 -20.14 3.74
N ALA D 292 -44.60 -20.70 4.71
CA ALA D 292 -43.15 -20.83 4.57
C ALA D 292 -42.79 -21.68 3.37
N ARG D 293 -43.58 -22.74 3.12
CA ARG D 293 -43.32 -23.59 1.96
C ARG D 293 -43.51 -22.84 0.65
N GLU D 294 -44.55 -21.99 0.54
CA GLU D 294 -44.75 -21.27 -0.71
C GLU D 294 -43.61 -20.28 -0.96
N VAL D 295 -43.06 -19.69 0.10
CA VAL D 295 -41.87 -18.88 -0.07
C VAL D 295 -40.70 -19.73 -0.54
N SER D 296 -40.53 -20.91 0.06
CA SER D 296 -39.40 -21.76 -0.29
C SER D 296 -39.42 -22.14 -1.76
N HIS D 297 -40.61 -22.42 -2.31
CA HIS D 297 -40.72 -22.81 -3.71
C HIS D 297 -40.42 -21.63 -4.65
N ARG D 298 -40.89 -20.44 -4.29
CA ARG D 298 -40.61 -19.27 -5.11
C ARG D 298 -39.11 -19.04 -5.25
N HIS D 299 -38.36 -19.16 -4.15
CA HIS D 299 -36.93 -18.94 -4.23
C HIS D 299 -36.21 -20.08 -4.95
N VAL D 300 -36.69 -21.32 -4.83
CA VAL D 300 -36.17 -22.41 -5.67
C VAL D 300 -36.30 -22.06 -7.15
N GLN D 301 -37.46 -21.51 -7.56
CA GLN D 301 -37.65 -21.12 -8.95
C GLN D 301 -36.57 -20.14 -9.38
N LEU D 302 -36.32 -19.11 -8.56
CA LEU D 302 -35.24 -18.17 -8.85
C LEU D 302 -33.87 -18.82 -8.84
N ALA D 303 -33.66 -19.84 -8.00
CA ALA D 303 -32.36 -20.51 -7.99
C ALA D 303 -32.04 -21.13 -9.34
N THR D 304 -32.99 -21.85 -9.93
CA THR D 304 -32.68 -22.56 -11.17
C THR D 304 -32.58 -21.61 -12.36
N ARG D 305 -33.37 -20.53 -12.38
CA ARG D 305 -33.26 -19.55 -13.45
C ARG D 305 -31.83 -19.00 -13.56
N ALA D 306 -31.23 -18.64 -12.43
CA ALA D 306 -29.89 -18.05 -12.46
C ALA D 306 -28.89 -19.00 -13.12
N LEU D 307 -29.18 -20.30 -13.12
CA LEU D 307 -28.33 -21.26 -13.80
C LEU D 307 -28.38 -21.11 -15.32
N GLN D 308 -29.47 -20.57 -15.87
CA GLN D 308 -29.60 -20.47 -17.32
C GLN D 308 -28.52 -19.59 -17.94
N THR D 309 -27.92 -18.71 -17.14
CA THR D 309 -26.87 -17.82 -17.62
C THR D 309 -25.62 -18.60 -18.04
N LEU D 310 -25.39 -19.76 -17.44
CA LEU D 310 -24.28 -20.63 -17.79
C LEU D 310 -24.61 -21.45 -19.03
N PRO D 311 -23.59 -21.95 -19.74
CA PRO D 311 -23.84 -22.69 -20.99
C PRO D 311 -24.57 -23.99 -20.72
N PRO D 312 -25.14 -24.61 -21.76
CA PRO D 312 -25.74 -25.93 -21.57
C PRO D 312 -24.65 -26.96 -21.31
N SER D 313 -24.91 -27.85 -20.33
CA SER D 313 -23.93 -28.84 -19.90
C SER D 313 -24.54 -29.78 -18.88
N PRO D 314 -23.98 -30.99 -18.70
CA PRO D 314 -24.48 -31.87 -17.63
C PRO D 314 -24.24 -31.29 -16.24
N HIS D 315 -23.14 -30.55 -16.07
CA HIS D 315 -22.86 -29.93 -14.79
C HIS D 315 -23.95 -28.93 -14.42
N ARG D 316 -24.41 -28.15 -15.40
CA ARG D 316 -25.55 -27.25 -15.15
C ARG D 316 -26.80 -28.05 -14.79
N ASP D 317 -26.94 -29.26 -15.35
CA ASP D 317 -28.10 -30.08 -15.01
C ASP D 317 -28.05 -30.56 -13.57
N ALA D 318 -26.93 -31.18 -13.16
CA ALA D 318 -26.69 -31.49 -11.76
C ALA D 318 -26.97 -30.29 -10.85
N LEU D 319 -26.54 -29.09 -11.25
CA LEU D 319 -26.76 -27.92 -10.41
C LEU D 319 -28.24 -27.56 -10.34
N GLU D 320 -28.96 -27.72 -11.45
CA GLU D 320 -30.40 -27.52 -11.43
C GLU D 320 -31.09 -28.65 -10.67
N ASP D 321 -30.52 -29.87 -10.71
CA ASP D 321 -31.11 -31.01 -10.02
C ASP D 321 -31.05 -30.84 -8.51
N LEU D 322 -29.99 -30.22 -8.00
CA LEU D 322 -29.76 -30.08 -6.56
C LEU D 322 -30.73 -29.12 -5.90
N THR D 323 -31.45 -28.31 -6.68
CA THR D 323 -32.36 -27.33 -6.08
C THR D 323 -33.56 -28.00 -5.42
N VAL D 324 -34.07 -29.08 -6.00
CA VAL D 324 -35.15 -29.88 -5.41
C VAL D 324 -34.58 -30.84 -4.38
N PRO D 325 -35.02 -30.76 -3.12
CA PRO D 325 -34.29 -31.38 -2.01
C PRO D 325 -34.25 -32.90 -2.06
N GLY D 326 -33.04 -33.45 -2.16
CA GLY D 326 -32.79 -34.84 -1.81
C GLY D 326 -31.85 -34.94 -0.61
N ARG D 327 -31.42 -33.77 -0.15
CA ARG D 327 -30.44 -33.66 0.92
C ARG D 327 -30.86 -34.42 2.17
N LEU D 328 -29.89 -34.79 2.99
CA LEU D 328 -30.19 -35.43 4.27
C LEU D 328 -31.15 -34.55 5.08
N VAL D 329 -31.95 -35.19 5.94
CA VAL D 329 -33.15 -34.53 6.44
C VAL D 329 -32.93 -33.80 7.77
N LEU D 330 -31.77 -33.93 8.41
CA LEU D 330 -31.54 -33.18 9.64
C LEU D 330 -30.08 -32.73 9.77
N GLU D 331 -29.32 -33.30 10.71
CA GLU D 331 -27.99 -32.77 10.96
C GLU D 331 -27.05 -33.01 9.77
N HIS D 332 -26.00 -32.21 9.71
CA HIS D 332 -25.10 -32.14 8.56
C HIS D 332 -24.12 -33.31 8.54
N HIS D 333 -23.45 -33.46 7.38
CA HIS D 333 -22.57 -34.61 7.12
C HIS D 333 -21.21 -34.31 7.72
N HIS D 334 -20.94 -34.93 8.87
CA HIS D 334 -19.69 -34.69 9.59
C HIS D 334 -18.98 -36.03 9.90
S SO4 E . -5.28 -0.87 -23.06
O1 SO4 E . -5.75 -0.29 -21.76
O2 SO4 E . -5.86 -0.14 -24.25
O3 SO4 E . -3.79 -0.76 -23.13
O4 SO4 E . -5.73 -2.29 -23.17
C1 EDO F . 17.12 9.61 -34.87
O1 EDO F . 18.11 10.30 -35.62
C2 EDO F . 17.11 8.19 -35.39
O2 EDO F . 18.44 7.82 -35.72
S SO4 G . 9.77 3.61 13.84
O1 SO4 G . 8.56 4.46 14.09
O2 SO4 G . 10.83 4.50 13.26
O3 SO4 G . 10.28 2.99 15.12
O4 SO4 G . 9.50 2.47 12.90
S SO4 H . 25.13 -26.77 36.42
O1 SO4 H . 24.69 -26.27 37.79
O2 SO4 H . 24.57 -25.89 35.34
O3 SO4 H . 26.63 -26.65 36.34
O4 SO4 H . 24.66 -28.20 36.25
C1 EDO I . 17.04 -2.42 0.92
O1 EDO I . 16.70 -2.69 -0.43
C2 EDO I . 17.71 -3.62 1.53
O2 EDO I . 18.82 -3.16 2.28
C1 EDO J . 26.03 33.54 3.11
O1 EDO J . 24.90 34.02 2.40
C2 EDO J . 27.14 34.56 3.10
O2 EDO J . 27.57 34.84 4.42
C1 FPS K . -24.99 -23.89 8.18
S1 FPS K . -26.72 -23.29 8.20
C2 FPS K . -24.10 -22.83 7.64
C3 FPS K . -23.04 -22.17 8.13
C4 FPS K . -22.33 -21.13 7.32
C5 FPS K . -22.47 -22.39 9.51
C6 FPS K . -21.97 -21.05 10.05
C7 FPS K . -21.00 -21.16 11.19
C8 FPS K . -20.36 -20.18 11.85
C10 FPS K . -20.57 -18.74 11.48
C9 FPS K . -19.43 -20.41 13.00
C11 FPS K . -19.35 -17.88 11.75
C12 FPS K . -18.33 -18.04 10.67
C13 FPS K . -17.27 -17.28 10.42
C14 FPS K . -16.31 -17.56 9.30
C15 FPS K . -16.93 -16.07 11.23
PA FPS K . -28.06 -24.86 8.44
O1A FPS K . -29.46 -24.33 8.56
O2A FPS K . -27.89 -25.82 7.32
O3A FPS K . -27.66 -25.63 9.79
PB FPS K . -27.09 -25.17 11.23
O1B FPS K . -25.70 -24.66 10.95
O2B FPS K . -28.02 -24.08 11.74
O3B FPS K . -27.10 -26.39 12.12
C1 EDO L . -24.54 -27.21 1.90
O1 EDO L . -25.05 -28.54 1.91
C2 EDO L . -23.73 -26.98 3.14
O2 EDO L . -22.57 -27.80 3.14
MG MG M . -23.73 -25.76 11.40
MG MG N . -26.96 -23.93 13.39
#